data_8A9B
#
_entry.id   8A9B
#
_cell.length_a   1.00
_cell.length_b   1.00
_cell.length_c   1.00
_cell.angle_alpha   90.00
_cell.angle_beta   90.00
_cell.angle_gamma   90.00
#
_symmetry.space_group_name_H-M   'P 1'
#
_entity_poly.entity_id   1
_entity_poly.type   'polypeptide(L)'
_entity_poly.pdbx_seq_one_letter_code
;NKTHQVEHESEQSDFQDIRFGLNSVKLPKAQPAAATRITVENGTDKLVNYKSSPQQLFLAKNALKDKLQGEFDKFLSDAK
AFPALTADLQEWVDQQLFNPNQSFFDLSAPRSNFTLSSDKKASLDFIFRFTNFTESVQLLKLPEGVSVVVDSKQSFDYYV
NASAQKLLVLPLSLPDYTLGLNYMFDHITLNGKVVNKFSFNPFKTNLNLAFSNVYNGVDVFEAQKNLVGKGKYLNTHVKA
EDVKKDVNANIKNQFDIAKIIAELMGKALKEFGNQQEGQPLSFLKVMDKVKEDFEKLFNLVRPGLGKFVKDLIQSSSQAE
NKITVYKLIFDNKKTILNLLKELSIPELNSSLGLVDVLFDGITDSDGLYERLQSFKDLIVPAVKTNEKTAALSPLIEELL
TQKDTYVFDLIQKHKGILTNLLKNFLADFQKSTPFMADQVAIFTELFDNEGAFDLFGEADFVDKIAELFLTKRTVKNGEK
IETKDSLLVTSLKSLLGEKVAALGDLLDSYIFKNELLNRSVEVAKAEAKDTKGATDYKKEQAKALKKLFKHIGENTLSKT
NLDKITLKEVKNTENVELEETETTLKVKKLDVEYKVELGNFEIKNGLIKAMLEFLPDTKDLETTLDKLLFKGESYKAMKD
KYIKEGFPGYGWAKGVVPGAFESIENTFKSAIDKTKSIRDLFGDMLFGNDLSSVKETDSFITLGGSFDIKYGGENLNVLP
AYYSLINSEIGYQIIGVDTTIDATKVKVELKNKEYKGKSPAINGQVKLSQSFFNVWTNMFDSITKQIFQKKYEFKDNIQV
FARNEDNTSRLELDISDPEQRVIPFAFVDGFGIQLKAVDKNITKEAGNTEPKSPVIQLYEALNKEKDQKQQSKQSPKQLD
TKTQLGYLLKLGDNWSKDDYKSLIDDTIINNNYLEASFNSKITVDRLGIPIDLWLFKIWPKFNLEIPMQGSLQLYSSSVI
FPYGIYDTSVQDAAKIVKRLNFTDMGFKLNDPKPNFWFVGFKHHHHH
;
_entity_poly.pdbx_strand_id   B
#
# COMPACT_ATOMS: atom_id res chain seq x y z
N GLN A 31 -3.78 -1.46 62.27
CA GLN A 31 -2.61 -1.45 61.41
C GLN A 31 -2.93 -2.02 60.04
N PRO A 32 -2.11 -2.98 59.59
CA PRO A 32 -2.30 -3.60 58.29
C PRO A 32 -1.71 -5.00 58.32
N ALA A 33 -2.15 -5.81 57.36
CA ALA A 33 -1.62 -7.16 57.22
C ALA A 33 -0.19 -7.14 56.69
N ALA A 34 0.56 -8.19 57.00
CA ALA A 34 1.93 -8.31 56.53
C ALA A 34 1.98 -8.88 55.13
N ALA A 35 2.81 -8.28 54.28
CA ALA A 35 3.00 -8.73 52.90
C ALA A 35 4.40 -9.31 52.78
N THR A 36 4.48 -10.65 52.76
CA THR A 36 5.76 -11.34 52.59
C THR A 36 6.04 -11.70 51.14
N ARG A 37 5.08 -11.50 50.24
CA ARG A 37 5.24 -11.80 48.82
C ARG A 37 4.66 -10.65 47.99
N ILE A 38 5.04 -9.42 48.33
CA ILE A 38 4.51 -8.24 47.68
C ILE A 38 5.02 -8.03 46.26
N THR A 39 6.04 -8.78 45.84
CA THR A 39 6.56 -8.63 44.48
C THR A 39 5.52 -9.08 43.46
N VAL A 40 5.59 -8.49 42.26
CA VAL A 40 4.64 -8.80 41.20
C VAL A 40 5.32 -9.13 39.87
N GLU A 41 6.62 -9.41 39.88
CA GLU A 41 7.33 -9.70 38.64
C GLU A 41 6.88 -11.03 38.05
N ASN A 42 6.72 -11.05 36.73
CA ASN A 42 6.31 -12.25 36.02
C ASN A 42 6.65 -12.06 34.54
N GLY A 43 6.14 -12.96 33.70
CA GLY A 43 6.43 -12.94 32.28
C GLY A 43 5.22 -13.32 31.45
N THR A 44 5.43 -13.37 30.14
CA THR A 44 4.37 -13.67 29.19
C THR A 44 4.41 -15.15 28.81
N ASP A 45 3.61 -15.54 27.82
CA ASP A 45 3.61 -16.90 27.30
C ASP A 45 3.75 -16.90 25.78
N LYS A 46 3.62 -18.06 25.16
CA LYS A 46 3.83 -18.19 23.72
C LYS A 46 2.82 -19.19 23.15
N LEU A 47 2.93 -19.40 21.84
CA LEU A 47 2.04 -20.29 21.09
C LEU A 47 2.85 -21.38 20.41
N VAL A 48 2.14 -22.41 19.96
CA VAL A 48 2.75 -23.54 19.26
C VAL A 48 1.99 -23.82 17.98
N ASN A 49 2.72 -24.15 16.93
CA ASN A 49 2.13 -24.32 15.61
C ASN A 49 1.22 -25.54 15.56
N TYR A 50 0.16 -25.43 14.76
CA TYR A 50 -0.78 -26.52 14.58
C TYR A 50 -1.39 -26.45 13.18
N LYS A 51 -1.82 -27.61 12.69
CA LYS A 51 -2.49 -27.74 11.38
C LYS A 51 -1.52 -27.26 10.31
N SER A 52 -1.95 -26.46 9.34
CA SER A 52 -1.08 -25.96 8.28
C SER A 52 -1.02 -24.44 8.30
N SER A 53 -1.27 -23.83 9.46
CA SER A 53 -1.18 -22.38 9.58
C SER A 53 0.27 -21.93 9.42
N PRO A 54 0.48 -20.71 8.94
CA PRO A 54 1.85 -20.19 8.82
C PRO A 54 2.49 -20.02 10.19
N GLN A 55 3.82 -19.93 10.17
CA GLN A 55 4.57 -19.80 11.42
C GLN A 55 4.17 -18.55 12.21
N GLN A 56 3.59 -17.56 11.55
CA GLN A 56 3.09 -16.36 12.22
C GLN A 56 1.75 -16.72 12.85
N LEU A 57 1.77 -17.12 14.11
CA LEU A 57 0.57 -17.56 14.83
C LEU A 57 -0.08 -16.36 15.50
N PHE A 58 -1.33 -16.09 15.14
CA PHE A 58 -2.03 -14.91 15.64
C PHE A 58 -3.48 -15.25 15.97
N LEU A 59 -3.71 -16.33 16.70
CA LEU A 59 -5.05 -16.72 17.11
C LEU A 59 -5.70 -15.64 17.96
N ALA A 60 -6.98 -15.82 18.26
CA ALA A 60 -7.73 -14.97 19.18
C ALA A 60 -8.40 -15.83 20.25
N LYS A 61 -9.30 -15.20 21.00
CA LYS A 61 -10.05 -15.89 22.06
C LYS A 61 -11.14 -16.74 21.39
N ASN A 62 -12.08 -17.25 22.18
CA ASN A 62 -12.99 -18.33 21.79
C ASN A 62 -12.11 -19.56 21.56
N ALA A 63 -12.59 -20.53 20.78
CA ALA A 63 -11.76 -21.66 20.35
C ALA A 63 -11.04 -22.36 21.50
N LEU A 64 -10.06 -21.67 22.10
CA LEU A 64 -9.25 -22.20 23.20
C LEU A 64 -9.80 -21.81 24.56
N LYS A 65 -11.12 -21.68 24.68
CA LYS A 65 -11.72 -21.28 25.94
C LYS A 65 -11.29 -22.21 27.08
N ASP A 66 -10.99 -23.46 26.77
CA ASP A 66 -10.53 -24.39 27.79
C ASP A 66 -9.02 -24.58 27.79
N LYS A 67 -8.29 -23.98 26.83
CA LYS A 67 -6.84 -24.08 26.87
C LYS A 67 -6.20 -22.95 27.66
N LEU A 68 -6.77 -21.74 27.61
CA LEU A 68 -6.36 -20.71 28.55
C LEU A 68 -6.63 -21.17 29.98
N GLN A 69 -7.66 -21.99 30.17
CA GLN A 69 -7.83 -22.69 31.43
C GLN A 69 -6.54 -23.41 31.83
N GLY A 70 -5.95 -24.13 30.87
CA GLY A 70 -4.72 -24.85 31.14
C GLY A 70 -3.54 -23.94 31.40
N GLU A 71 -3.38 -22.88 30.61
CA GLU A 71 -2.27 -21.95 30.83
C GLU A 71 -2.39 -21.26 32.19
N PHE A 72 -3.60 -20.83 32.55
CA PHE A 72 -3.80 -20.21 33.85
C PHE A 72 -3.55 -21.20 34.97
N ASP A 73 -3.98 -22.46 34.81
CA ASP A 73 -3.68 -23.47 35.82
C ASP A 73 -2.17 -23.68 35.95
N LYS A 74 -1.47 -23.71 34.81
CA LYS A 74 -0.03 -23.91 34.81
C LYS A 74 0.70 -22.79 35.56
N PHE A 75 0.31 -21.54 35.30
CA PHE A 75 0.94 -20.43 35.99
C PHE A 75 0.30 -20.18 37.36
N LEU A 76 -0.72 -20.96 37.70
CA LEU A 76 -1.44 -20.84 38.97
C LEU A 76 -0.94 -21.81 40.02
N SER A 77 -0.41 -22.96 39.62
CA SER A 77 -0.02 -24.00 40.56
C SER A 77 1.49 -24.19 40.58
N ASP A 78 2.23 -23.08 40.52
CA ASP A 78 3.68 -23.13 40.56
C ASP A 78 4.26 -22.14 41.56
N ALA A 79 5.59 -21.96 41.54
CA ALA A 79 6.26 -21.17 42.57
C ALA A 79 5.94 -19.69 42.48
N LYS A 80 5.86 -19.15 41.26
CA LYS A 80 5.66 -17.72 41.08
C LYS A 80 4.19 -17.31 41.16
N ALA A 81 3.29 -18.25 41.43
CA ALA A 81 1.87 -17.95 41.45
C ALA A 81 1.45 -17.33 42.78
N PHE A 82 1.88 -17.92 43.90
CA PHE A 82 1.41 -17.42 45.19
C PHE A 82 1.98 -16.03 45.56
N PRO A 83 3.16 -15.62 45.10
CA PRO A 83 3.50 -14.19 45.28
C PRO A 83 2.57 -13.26 44.52
N ALA A 84 2.18 -13.63 43.31
CA ALA A 84 1.25 -12.81 42.54
C ALA A 84 -0.13 -12.79 43.18
N LEU A 85 -0.57 -13.92 43.74
CA LEU A 85 -1.82 -13.93 44.51
C LEU A 85 -1.69 -13.09 45.77
N THR A 86 -0.51 -13.09 46.41
CA THR A 86 -0.28 -12.18 47.51
C THR A 86 -0.48 -10.73 47.08
N ALA A 87 0.06 -10.38 45.91
CA ALA A 87 -0.11 -9.03 45.41
C ALA A 87 -1.56 -8.74 45.04
N ASP A 88 -2.28 -9.73 44.51
CA ASP A 88 -3.70 -9.56 44.23
C ASP A 88 -4.48 -9.24 45.50
N LEU A 89 -4.30 -10.05 46.54
CA LEU A 89 -4.98 -9.81 47.80
C LEU A 89 -4.52 -8.49 48.43
N GLN A 90 -3.26 -8.13 48.25
CA GLN A 90 -2.78 -6.83 48.74
C GLN A 90 -3.52 -5.69 48.05
N GLU A 91 -3.65 -5.75 46.73
CA GLU A 91 -4.36 -4.71 45.99
C GLU A 91 -5.82 -4.66 46.41
N TRP A 92 -6.45 -5.82 46.62
CA TRP A 92 -7.84 -5.82 47.05
C TRP A 92 -7.99 -5.21 48.44
N VAL A 93 -7.23 -5.70 49.42
CA VAL A 93 -7.35 -5.22 50.79
C VAL A 93 -6.88 -3.78 50.93
N ASP A 94 -6.12 -3.26 49.98
CA ASP A 94 -5.74 -1.85 49.99
C ASP A 94 -6.84 -1.00 49.37
N GLN A 95 -7.17 -1.26 48.10
CA GLN A 95 -8.12 -0.40 47.39
C GLN A 95 -9.56 -0.64 47.84
N GLN A 96 -9.92 -1.90 48.10
CA GLN A 96 -11.32 -2.25 48.33
C GLN A 96 -11.70 -2.32 49.81
N LEU A 97 -10.77 -2.04 50.73
CA LEU A 97 -11.12 -2.06 52.16
C LEU A 97 -10.99 -0.69 52.81
N PHE A 98 -9.81 -0.08 52.81
CA PHE A 98 -9.57 1.06 53.70
C PHE A 98 -9.22 2.36 52.98
N ASN A 99 -9.45 2.47 51.69
CA ASN A 99 -9.45 3.82 51.11
C ASN A 99 -10.76 4.53 51.42
N PRO A 100 -11.93 3.84 51.38
CA PRO A 100 -13.14 4.45 51.95
C PRO A 100 -13.21 4.28 53.46
N ASN A 101 -12.07 3.96 54.06
CA ASN A 101 -11.99 3.71 55.50
C ASN A 101 -10.60 4.15 55.98
N GLN A 102 -10.20 3.66 57.14
CA GLN A 102 -8.85 3.83 57.71
C GLN A 102 -8.60 5.22 58.25
N SER A 103 -9.52 6.15 57.99
CA SER A 103 -9.55 7.38 58.77
C SER A 103 -10.36 7.21 60.04
N PHE A 104 -11.32 6.28 60.04
CA PHE A 104 -12.15 5.99 61.19
C PHE A 104 -12.46 4.50 61.37
N PHE A 105 -11.64 3.61 60.76
CA PHE A 105 -11.63 2.18 61.10
C PHE A 105 -10.22 1.65 60.89
N ASP A 106 -9.59 1.19 61.98
CA ASP A 106 -8.30 0.52 61.87
C ASP A 106 -8.46 -0.87 61.27
N LEU A 107 -7.33 -1.46 60.89
CA LEU A 107 -7.30 -2.77 60.26
C LEU A 107 -6.28 -3.67 60.95
N SER A 108 -6.53 -4.98 60.92
CA SER A 108 -5.60 -5.96 61.47
C SER A 108 -5.96 -7.33 60.91
N ALA A 109 -5.00 -7.97 60.24
CA ALA A 109 -5.19 -9.30 59.65
C ALA A 109 -4.03 -10.20 60.04
N PRO A 110 -4.02 -10.69 61.28
CA PRO A 110 -2.92 -11.57 61.72
C PRO A 110 -2.82 -12.86 60.92
N ARG A 111 -3.94 -13.44 60.50
CA ARG A 111 -3.94 -14.78 59.93
C ARG A 111 -3.90 -14.71 58.41
N SER A 112 -3.09 -15.59 57.80
CA SER A 112 -2.99 -15.66 56.35
C SER A 112 -2.37 -16.99 55.96
N ASN A 113 -3.03 -17.73 55.07
CA ASN A 113 -2.51 -19.01 54.59
C ASN A 113 -2.96 -19.21 53.15
N PHE A 114 -2.17 -19.98 52.40
CA PHE A 114 -2.47 -20.32 51.03
C PHE A 114 -2.62 -21.82 50.86
N THR A 115 -3.49 -22.20 49.90
CA THR A 115 -3.66 -23.58 49.45
C THR A 115 -3.46 -23.65 47.94
N LEU A 116 -2.50 -22.89 47.43
CA LEU A 116 -2.28 -22.78 45.98
C LEU A 116 -1.16 -23.73 45.55
N SER A 117 -1.41 -25.02 45.75
CA SER A 117 -0.46 -26.05 45.37
C SER A 117 -0.78 -26.50 43.95
N SER A 118 -0.21 -27.64 43.53
CA SER A 118 -0.53 -28.22 42.23
C SER A 118 -1.97 -28.70 42.16
N ASP A 119 -2.67 -28.75 43.29
CA ASP A 119 -4.08 -29.13 43.29
C ASP A 119 -4.92 -28.22 42.40
N LYS A 120 -4.48 -26.98 42.18
CA LYS A 120 -5.12 -26.00 41.31
C LYS A 120 -6.52 -25.60 41.79
N LYS A 121 -6.99 -26.18 42.89
CA LYS A 121 -8.33 -25.92 43.40
C LYS A 121 -8.39 -24.54 44.04
N ALA A 122 -9.53 -24.23 44.64
CA ALA A 122 -9.73 -22.96 45.33
C ALA A 122 -10.32 -23.22 46.71
N SER A 123 -9.57 -22.81 47.73
CA SER A 123 -10.06 -22.77 49.11
C SER A 123 -9.14 -21.86 49.92
N LEU A 124 -9.66 -20.73 50.34
CA LEU A 124 -8.88 -19.69 50.99
C LEU A 124 -9.28 -19.56 52.45
N ASP A 125 -8.34 -19.11 53.27
CA ASP A 125 -8.57 -19.04 54.70
C ASP A 125 -7.79 -17.84 55.25
N PHE A 126 -8.47 -16.71 55.34
CA PHE A 126 -7.92 -15.49 55.93
C PHE A 126 -8.79 -15.07 57.11
N ILE A 127 -8.30 -14.10 57.88
CA ILE A 127 -9.09 -13.38 58.87
C ILE A 127 -8.66 -11.91 58.85
N PHE A 128 -9.62 -11.01 58.72
CA PHE A 128 -9.37 -9.58 58.77
C PHE A 128 -10.29 -8.98 59.83
N ARG A 129 -9.72 -8.17 60.73
CA ARG A 129 -10.46 -7.58 61.83
C ARG A 129 -10.47 -6.06 61.68
N PHE A 130 -11.66 -5.48 61.76
CA PHE A 130 -11.86 -4.05 61.64
C PHE A 130 -12.30 -3.49 62.99
N THR A 131 -11.59 -2.48 63.48
CA THR A 131 -11.92 -1.79 64.72
C THR A 131 -11.78 -0.29 64.52
N ASN A 132 -12.68 0.47 65.12
CA ASN A 132 -12.67 1.92 65.02
C ASN A 132 -12.10 2.56 66.28
N PHE A 133 -11.24 3.57 66.10
CA PHE A 133 -10.73 4.35 67.21
C PHE A 133 -11.55 5.61 67.46
N THR A 134 -12.34 6.03 66.49
CA THR A 134 -13.17 7.22 66.66
C THR A 134 -14.32 6.95 67.63
N GLU A 135 -14.72 8.00 68.35
CA GLU A 135 -15.84 7.92 69.28
C GLU A 135 -17.11 8.42 68.60
N SER A 136 -17.55 7.65 67.62
CA SER A 136 -18.73 8.00 66.83
C SER A 136 -19.32 6.75 66.21
N VAL A 137 -20.52 6.89 65.67
CA VAL A 137 -21.22 5.80 65.01
C VAL A 137 -21.03 5.98 63.51
N GLN A 138 -20.48 4.95 62.85
CA GLN A 138 -20.12 5.03 61.45
C GLN A 138 -20.57 3.75 60.74
N LEU A 139 -20.32 3.69 59.44
CA LEU A 139 -20.67 2.55 58.60
C LEU A 139 -19.48 2.15 57.76
N LEU A 140 -19.31 0.85 57.56
CA LEU A 140 -18.20 0.34 56.76
C LEU A 140 -18.55 0.44 55.28
N LYS A 141 -17.68 1.09 54.50
CA LYS A 141 -17.86 1.20 53.06
C LYS A 141 -17.06 0.09 52.39
N LEU A 142 -17.76 -0.94 51.90
CA LEU A 142 -17.14 -2.05 51.20
C LEU A 142 -17.86 -2.27 49.88
N PRO A 143 -17.14 -2.74 48.85
CA PRO A 143 -17.77 -2.88 47.52
C PRO A 143 -18.67 -4.10 47.44
N GLU A 144 -19.65 -4.19 48.33
CA GLU A 144 -20.43 -5.40 48.51
C GLU A 144 -21.77 -5.01 49.12
N GLY A 145 -22.65 -6.00 49.27
CA GLY A 145 -23.92 -5.75 49.91
C GLY A 145 -23.76 -5.50 51.40
N VAL A 146 -23.13 -4.38 51.74
CA VAL A 146 -22.78 -4.03 53.10
C VAL A 146 -23.65 -2.87 53.54
N SER A 147 -24.46 -3.07 54.57
CA SER A 147 -25.30 -2.02 55.13
C SER A 147 -25.62 -2.40 56.58
N VAL A 148 -24.89 -1.80 57.52
CA VAL A 148 -25.04 -2.11 58.93
C VAL A 148 -24.51 -0.93 59.74
N VAL A 149 -25.18 -0.64 60.84
CA VAL A 149 -24.77 0.44 61.73
C VAL A 149 -23.68 -0.07 62.66
N VAL A 150 -22.61 0.72 62.81
CA VAL A 150 -21.46 0.36 63.62
C VAL A 150 -21.20 1.48 64.61
N ASP A 151 -21.07 1.13 65.89
CA ASP A 151 -20.81 2.11 66.93
C ASP A 151 -19.31 2.22 67.19
N SER A 152 -18.95 3.06 68.16
CA SER A 152 -17.55 3.29 68.48
C SER A 152 -16.98 2.13 69.29
N LYS A 153 -15.66 1.93 69.14
CA LYS A 153 -14.92 0.90 69.87
C LYS A 153 -15.55 -0.48 69.67
N GLN A 154 -15.86 -0.81 68.42
CA GLN A 154 -16.43 -2.09 68.05
C GLN A 154 -15.48 -2.82 67.11
N SER A 155 -15.29 -4.11 67.35
CA SER A 155 -14.44 -4.96 66.53
C SER A 155 -15.31 -5.65 65.48
N PHE A 156 -15.42 -5.02 64.32
CA PHE A 156 -16.19 -5.59 63.22
C PHE A 156 -15.61 -6.94 62.81
N ASP A 157 -16.47 -7.94 62.66
CA ASP A 157 -16.07 -9.28 62.28
C ASP A 157 -16.30 -9.45 60.78
N TYR A 158 -15.26 -9.91 60.09
CA TYR A 158 -15.30 -10.12 58.65
C TYR A 158 -15.00 -11.60 58.42
N TYR A 159 -16.07 -12.41 58.35
CA TYR A 159 -15.95 -13.87 58.32
C TYR A 159 -15.44 -14.31 56.95
N VAL A 160 -14.18 -14.76 56.90
CA VAL A 160 -13.52 -15.14 55.66
C VAL A 160 -13.40 -16.66 55.63
N ASN A 161 -13.99 -17.28 54.60
CA ASN A 161 -13.91 -18.72 54.38
C ASN A 161 -14.20 -18.97 52.90
N ALA A 162 -13.91 -20.18 52.45
CA ALA A 162 -14.11 -20.51 51.04
C ALA A 162 -14.66 -21.91 50.85
N SER A 163 -15.41 -22.08 49.77
CA SER A 163 -15.84 -23.38 49.29
C SER A 163 -14.80 -23.90 48.30
N ALA A 164 -15.10 -24.99 47.61
CA ALA A 164 -14.20 -25.57 46.63
C ALA A 164 -14.74 -25.29 45.23
N GLN A 165 -13.88 -24.77 44.36
CA GLN A 165 -14.29 -24.31 43.05
C GLN A 165 -13.07 -24.23 42.15
N LYS A 166 -13.29 -23.82 40.91
CA LYS A 166 -12.24 -23.65 39.92
C LYS A 166 -12.30 -22.23 39.36
N LEU A 167 -11.14 -21.63 39.15
CA LEU A 167 -11.05 -20.21 38.80
C LEU A 167 -11.38 -20.01 37.33
N LEU A 168 -12.38 -19.17 37.05
CA LEU A 168 -12.59 -18.75 35.68
C LEU A 168 -11.53 -17.73 35.30
N VAL A 169 -11.75 -17.02 34.19
CA VAL A 169 -10.71 -16.22 33.55
C VAL A 169 -11.27 -14.84 33.22
N LEU A 170 -10.62 -13.77 33.72
CA LEU A 170 -11.09 -12.46 33.27
C LEU A 170 -10.11 -11.84 32.29
N PRO A 171 -10.60 -11.09 31.30
CA PRO A 171 -9.72 -10.34 30.41
C PRO A 171 -9.29 -9.01 31.01
N LEU A 172 -8.06 -8.62 30.71
CA LEU A 172 -7.45 -7.40 31.24
C LEU A 172 -7.67 -6.24 30.29
N SER A 173 -7.78 -5.05 30.87
CA SER A 173 -7.79 -3.80 30.10
C SER A 173 -6.39 -3.19 30.08
N LEU A 174 -5.44 -3.99 29.62
CA LEU A 174 -4.06 -3.56 29.56
C LEU A 174 -3.86 -2.54 28.46
N PRO A 175 -2.75 -1.80 28.48
CA PRO A 175 -2.32 -1.07 27.28
C PRO A 175 -2.08 -2.01 26.10
N ASP A 176 -2.23 -3.32 26.34
CA ASP A 176 -2.04 -4.34 25.32
C ASP A 176 -3.31 -5.10 24.97
N TYR A 177 -4.38 -4.98 25.77
CA TYR A 177 -5.63 -5.73 25.56
C TYR A 177 -5.37 -7.20 25.21
N THR A 178 -4.43 -7.80 25.93
CA THR A 178 -4.12 -9.20 25.69
C THR A 178 -5.27 -10.08 26.15
N LEU A 179 -5.15 -11.37 25.89
CA LEU A 179 -5.97 -12.33 26.61
C LEU A 179 -5.73 -12.17 28.10
N GLY A 180 -6.80 -12.20 28.86
CA GLY A 180 -6.66 -12.00 30.27
C GLY A 180 -6.26 -13.28 30.98
N LEU A 181 -4.99 -13.67 30.88
CA LEU A 181 -4.57 -14.84 31.64
C LEU A 181 -4.68 -14.45 33.11
N ASN A 182 -5.84 -14.71 33.67
CA ASN A 182 -6.23 -14.13 34.95
C ASN A 182 -7.41 -14.93 35.47
N TYR A 183 -8.07 -14.41 36.50
CA TYR A 183 -9.10 -15.14 37.23
C TYR A 183 -10.41 -14.36 37.29
N MET A 184 -11.49 -15.02 36.89
CA MET A 184 -12.83 -14.68 37.35
C MET A 184 -13.23 -15.65 38.45
N PHE A 185 -13.44 -15.13 39.65
CA PHE A 185 -13.88 -16.01 40.71
C PHE A 185 -15.37 -16.30 40.60
N ASP A 186 -15.78 -17.36 41.29
CA ASP A 186 -17.16 -17.82 41.29
C ASP A 186 -17.77 -17.89 42.68
N HIS A 187 -16.96 -18.08 43.73
CA HIS A 187 -17.50 -18.23 45.06
C HIS A 187 -16.50 -17.80 46.12
N ILE A 188 -16.97 -16.96 47.05
CA ILE A 188 -16.37 -16.78 48.36
C ILE A 188 -17.49 -16.71 49.39
N THR A 189 -17.38 -17.50 50.45
CA THR A 189 -18.40 -17.53 51.51
C THR A 189 -18.08 -16.44 52.51
N LEU A 190 -18.67 -15.26 52.30
CA LEU A 190 -18.40 -14.10 53.12
C LEU A 190 -19.70 -13.60 53.74
N ASN A 191 -19.59 -13.02 54.93
CA ASN A 191 -20.74 -12.56 55.71
C ASN A 191 -21.73 -13.68 55.99
N GLY A 192 -21.30 -14.93 55.84
CA GLY A 192 -22.20 -16.06 55.95
C GLY A 192 -23.01 -16.36 54.72
N LYS A 193 -22.80 -15.63 53.63
CA LYS A 193 -23.57 -15.79 52.40
C LYS A 193 -22.61 -16.01 51.23
N VAL A 194 -23.15 -15.93 50.02
CA VAL A 194 -22.39 -16.09 48.79
C VAL A 194 -22.68 -14.91 47.87
N VAL A 195 -21.62 -14.27 47.38
CA VAL A 195 -21.72 -13.20 46.38
C VAL A 195 -21.50 -13.86 45.03
N ASN A 196 -22.60 -14.09 44.31
CA ASN A 196 -22.54 -14.83 43.05
C ASN A 196 -21.61 -14.13 42.07
N LYS A 197 -20.72 -14.91 41.45
CA LYS A 197 -19.80 -14.39 40.44
C LYS A 197 -18.98 -13.22 41.01
N PHE A 198 -18.40 -13.47 42.17
CA PHE A 198 -17.63 -12.44 42.87
C PHE A 198 -16.36 -12.09 42.11
N SER A 199 -15.86 -10.89 42.36
CA SER A 199 -14.58 -10.44 41.83
C SER A 199 -13.77 -9.74 42.91
N PHE A 200 -12.52 -10.17 43.08
CA PHE A 200 -11.55 -9.43 43.89
C PHE A 200 -10.81 -8.49 42.94
N ASN A 201 -11.17 -7.22 42.98
CA ASN A 201 -10.54 -6.19 42.15
C ASN A 201 -10.58 -6.57 40.67
N PRO A 202 -11.73 -6.51 40.02
CA PRO A 202 -11.79 -6.82 38.59
C PRO A 202 -11.00 -5.82 37.76
N PHE A 203 -10.66 -6.24 36.56
CA PHE A 203 -9.97 -5.42 35.56
C PHE A 203 -8.58 -4.98 36.01
N LYS A 204 -7.95 -5.74 36.90
CA LYS A 204 -6.56 -5.49 37.28
C LYS A 204 -6.02 -6.70 38.01
N THR A 205 -4.76 -7.05 37.76
CA THR A 205 -4.12 -8.17 38.42
C THR A 205 -2.61 -7.98 38.38
N ASN A 206 -1.94 -8.57 39.36
CA ASN A 206 -0.48 -8.54 39.46
C ASN A 206 0.13 -9.83 38.94
N LEU A 207 -0.22 -10.23 37.71
CA LEU A 207 0.35 -11.42 37.11
C LEU A 207 1.07 -11.16 35.80
N ASN A 208 0.76 -10.05 35.11
CA ASN A 208 1.50 -9.60 33.93
C ASN A 208 1.58 -10.69 32.86
N LEU A 209 0.48 -11.42 32.70
CA LEU A 209 0.46 -12.58 31.81
C LEU A 209 -0.06 -12.16 30.43
N ALA A 210 0.70 -11.26 29.81
CA ALA A 210 0.33 -10.69 28.53
C ALA A 210 0.64 -11.69 27.40
N PHE A 211 0.10 -11.41 26.21
CA PHE A 211 0.37 -12.21 25.02
C PHE A 211 0.86 -11.29 23.91
N SER A 212 1.69 -11.85 23.03
CA SER A 212 2.14 -11.15 21.84
C SER A 212 1.52 -11.70 20.56
N ASN A 213 0.70 -12.75 20.65
CA ASN A 213 0.16 -13.40 19.45
C ASN A 213 -1.36 -13.53 19.48
N VAL A 214 -1.93 -13.81 20.65
CA VAL A 214 -3.34 -14.20 20.74
C VAL A 214 -4.03 -13.32 21.78
N TYR A 215 -5.12 -12.67 21.38
CA TYR A 215 -5.80 -11.68 22.21
C TYR A 215 -7.24 -12.11 22.47
N ASN A 216 -8.03 -11.20 23.06
CA ASN A 216 -9.38 -11.48 23.53
C ASN A 216 -10.44 -10.78 22.69
N GLY A 217 -11.57 -11.46 22.50
CA GLY A 217 -12.69 -10.89 21.77
C GLY A 217 -13.49 -11.90 20.97
N VAL A 218 -14.04 -11.45 19.85
CA VAL A 218 -14.81 -12.29 18.94
C VAL A 218 -14.06 -12.33 17.62
N ASP A 219 -13.80 -13.54 17.11
CA ASP A 219 -12.71 -13.71 16.17
C ASP A 219 -12.86 -13.00 14.82
N VAL A 220 -13.62 -13.54 13.88
CA VAL A 220 -14.09 -12.76 12.74
C VAL A 220 -15.54 -13.15 12.48
N PHE A 221 -15.89 -14.38 12.85
CA PHE A 221 -17.20 -14.97 12.58
C PHE A 221 -18.07 -15.03 13.82
N GLU A 222 -17.48 -15.36 14.97
CA GLU A 222 -18.13 -14.99 16.22
C GLU A 222 -18.26 -13.48 16.31
N ALA A 223 -17.36 -12.75 15.64
CA ALA A 223 -17.56 -11.33 15.41
C ALA A 223 -18.71 -11.09 14.46
N GLN A 224 -18.74 -11.78 13.33
CA GLN A 224 -19.84 -11.65 12.40
C GLN A 224 -21.00 -12.53 12.87
N LYS A 225 -21.27 -12.48 14.16
CA LYS A 225 -22.41 -13.14 14.79
C LYS A 225 -23.19 -12.21 15.70
N ASN A 226 -22.50 -11.34 16.45
CA ASN A 226 -23.14 -10.35 17.30
C ASN A 226 -22.98 -8.95 16.72
N LEU A 227 -22.48 -8.83 15.49
CA LEU A 227 -22.36 -7.55 14.79
C LEU A 227 -23.27 -7.46 13.58
N VAL A 228 -23.85 -8.57 13.13
CA VAL A 228 -24.79 -8.59 12.03
C VAL A 228 -26.03 -9.34 12.48
N GLY A 229 -27.20 -8.82 12.14
CA GLY A 229 -28.45 -9.42 12.58
C GLY A 229 -29.65 -8.85 11.85
N LYS A 230 -30.74 -8.60 12.58
CA LYS A 230 -31.93 -8.00 11.99
C LYS A 230 -31.89 -6.46 12.12
N GLY A 231 -31.81 -5.97 13.34
CA GLY A 231 -31.70 -4.54 13.57
C GLY A 231 -30.47 -4.21 14.37
N LYS A 232 -29.43 -5.03 14.23
CA LYS A 232 -28.22 -4.88 15.02
C LYS A 232 -27.27 -3.85 14.42
N TYR A 233 -26.03 -3.84 14.90
CA TYR A 233 -25.06 -2.77 14.62
C TYR A 233 -24.91 -2.45 13.14
N LEU A 234 -24.31 -3.38 12.39
CA LEU A 234 -24.04 -3.10 10.99
C LEU A 234 -25.32 -2.90 10.20
N ASN A 235 -26.38 -3.63 10.57
CA ASN A 235 -27.65 -3.47 9.88
C ASN A 235 -28.22 -2.06 10.09
N THR A 236 -28.13 -1.54 11.31
CA THR A 236 -28.73 -0.26 11.61
C THR A 236 -27.83 0.93 11.35
N HIS A 237 -26.55 0.70 11.02
CA HIS A 237 -25.64 1.81 10.74
C HIS A 237 -25.23 1.88 9.28
N VAL A 238 -25.88 1.12 8.40
CA VAL A 238 -25.64 1.16 6.96
C VAL A 238 -26.97 1.33 6.26
N LYS A 239 -27.06 2.34 5.38
CA LYS A 239 -28.31 2.67 4.72
C LYS A 239 -28.15 2.61 3.21
N ALA A 240 -29.27 2.37 2.52
CA ALA A 240 -29.23 2.17 1.07
C ALA A 240 -28.68 3.39 0.36
N GLU A 241 -29.16 4.58 0.73
CA GLU A 241 -28.66 5.79 0.12
C GLU A 241 -27.17 5.98 0.39
N ASP A 242 -26.73 5.66 1.61
CA ASP A 242 -25.31 5.74 1.91
C ASP A 242 -24.51 4.71 1.10
N VAL A 243 -25.07 3.52 0.89
CA VAL A 243 -24.35 2.53 0.09
C VAL A 243 -24.18 3.04 -1.33
N LYS A 244 -25.24 3.58 -1.92
CA LYS A 244 -25.17 4.10 -3.28
C LYS A 244 -24.19 5.26 -3.36
N LYS A 245 -24.24 6.17 -2.39
CA LYS A 245 -23.31 7.29 -2.40
C LYS A 245 -21.88 6.82 -2.26
N ASP A 246 -21.64 5.83 -1.40
CA ASP A 246 -20.28 5.32 -1.21
C ASP A 246 -19.76 4.69 -2.49
N VAL A 247 -20.56 3.86 -3.15
CA VAL A 247 -20.07 3.18 -4.35
C VAL A 247 -19.85 4.18 -5.49
N ASN A 248 -20.79 5.10 -5.69
CA ASN A 248 -20.65 6.06 -6.78
C ASN A 248 -19.49 7.02 -6.53
N ALA A 249 -19.34 7.47 -5.28
CA ALA A 249 -18.19 8.29 -4.94
C ALA A 249 -16.89 7.52 -5.08
N ASN A 250 -16.90 6.21 -4.80
CA ASN A 250 -15.70 5.42 -5.03
C ASN A 250 -15.35 5.37 -6.51
N ILE A 251 -16.35 5.18 -7.37
CA ILE A 251 -16.07 5.15 -8.82
C ILE A 251 -15.56 6.51 -9.29
N LYS A 252 -16.23 7.59 -8.85
CA LYS A 252 -15.81 8.93 -9.24
C LYS A 252 -14.41 9.25 -8.73
N ASN A 253 -14.11 8.84 -7.50
CA ASN A 253 -12.77 9.04 -6.96
C ASN A 253 -11.74 8.26 -7.76
N GLN A 254 -12.07 7.02 -8.14
CA GLN A 254 -11.17 6.25 -8.97
C GLN A 254 -10.86 6.99 -10.26
N PHE A 255 -11.89 7.43 -10.97
CA PHE A 255 -11.70 8.12 -12.24
C PHE A 255 -10.89 9.40 -12.04
N ASP A 256 -11.26 10.19 -11.03
CA ASP A 256 -10.63 11.49 -10.88
C ASP A 256 -9.18 11.33 -10.44
N ILE A 257 -8.91 10.43 -9.50
CA ILE A 257 -7.54 10.12 -9.11
C ILE A 257 -6.74 9.65 -10.31
N ALA A 258 -7.36 8.91 -11.21
CA ALA A 258 -6.68 8.59 -12.46
C ALA A 258 -6.32 9.85 -13.23
N LYS A 259 -7.25 10.82 -13.27
CA LYS A 259 -6.95 12.08 -13.96
C LYS A 259 -5.81 12.83 -13.29
N ILE A 260 -5.79 12.92 -11.96
CA ILE A 260 -4.66 13.55 -11.28
C ILE A 260 -3.37 12.82 -11.57
N ILE A 261 -3.38 11.49 -11.55
CA ILE A 261 -2.16 10.74 -11.79
C ILE A 261 -1.64 11.03 -13.19
N ALA A 262 -2.55 11.07 -14.17
CA ALA A 262 -2.15 11.40 -15.53
C ALA A 262 -1.62 12.82 -15.64
N GLU A 263 -2.28 13.77 -14.97
CA GLU A 263 -1.85 15.16 -15.03
C GLU A 263 -0.46 15.34 -14.44
N LEU A 264 -0.20 14.69 -13.31
CA LEU A 264 1.16 14.69 -12.76
C LEU A 264 2.15 14.14 -13.78
N MET A 265 1.78 13.05 -14.43
CA MET A 265 2.61 12.46 -15.49
C MET A 265 2.44 13.31 -16.74
N GLY A 266 3.03 14.51 -16.69
CA GLY A 266 2.77 15.50 -17.72
C GLY A 266 2.78 16.90 -17.14
N LYS A 267 2.63 16.99 -15.82
CA LYS A 267 3.03 18.18 -15.09
C LYS A 267 4.40 18.02 -14.46
N ALA A 268 4.87 16.79 -14.30
CA ALA A 268 6.25 16.49 -13.91
C ALA A 268 7.14 16.22 -15.10
N LEU A 269 6.62 15.57 -16.14
CA LEU A 269 7.41 15.32 -17.33
C LEU A 269 7.77 16.61 -18.04
N LYS A 270 6.86 17.59 -18.03
CA LYS A 270 7.16 18.87 -18.65
C LYS A 270 8.35 19.54 -17.98
N GLU A 271 8.41 19.50 -16.65
CA GLU A 271 9.58 20.05 -15.97
C GLU A 271 10.81 19.17 -16.18
N PHE A 272 10.64 17.86 -16.31
CA PHE A 272 11.78 16.99 -16.58
C PHE A 272 12.46 17.38 -17.89
N GLY A 273 11.68 17.52 -18.95
CA GLY A 273 12.23 17.66 -20.28
C GLY A 273 12.36 19.07 -20.82
N ASN A 274 11.69 20.03 -20.19
CA ASN A 274 11.73 21.39 -20.70
C ASN A 274 13.07 22.06 -20.43
N GLN A 275 13.84 21.54 -19.48
CA GLN A 275 15.09 22.18 -19.08
C GLN A 275 16.21 21.82 -20.05
N GLN A 276 17.12 22.76 -20.23
CA GLN A 276 18.32 22.52 -21.02
C GLN A 276 19.31 21.69 -20.20
N GLU A 277 20.11 20.91 -20.90
CA GLU A 277 21.12 20.09 -20.23
C GLU A 277 22.17 20.99 -19.58
N GLY A 278 22.72 20.50 -18.47
CA GLY A 278 23.65 21.26 -17.67
C GLY A 278 23.05 21.87 -16.42
N GLN A 279 21.74 21.68 -16.19
CA GLN A 279 21.09 22.18 -14.99
C GLN A 279 20.22 21.05 -14.45
N PRO A 280 20.48 20.57 -13.23
CA PRO A 280 19.80 19.36 -12.76
C PRO A 280 18.34 19.60 -12.37
N LEU A 281 17.55 18.53 -12.44
CA LEU A 281 16.16 18.56 -11.97
C LEU A 281 15.77 17.12 -11.64
N SER A 282 15.77 16.80 -10.35
CA SER A 282 15.54 15.44 -9.89
C SER A 282 14.06 15.22 -9.59
N PHE A 283 13.75 14.09 -8.95
CA PHE A 283 12.37 13.78 -8.60
C PHE A 283 11.91 14.58 -7.38
N LEU A 284 12.81 14.94 -6.47
CA LEU A 284 12.37 15.75 -5.34
C LEU A 284 12.15 17.20 -5.77
N LYS A 285 13.00 17.72 -6.65
CA LYS A 285 12.81 19.08 -7.14
C LYS A 285 11.50 19.21 -7.90
N VAL A 286 11.15 18.21 -8.71
CA VAL A 286 9.94 18.31 -9.50
C VAL A 286 8.69 18.30 -8.63
N MET A 287 8.79 17.78 -7.40
CA MET A 287 7.65 17.86 -6.48
C MET A 287 7.36 19.28 -6.04
N ASP A 288 8.27 20.23 -6.32
CA ASP A 288 8.00 21.62 -5.99
C ASP A 288 6.91 22.21 -6.89
N LYS A 289 6.84 21.76 -8.14
CA LYS A 289 5.84 22.26 -9.07
C LYS A 289 4.50 21.57 -8.91
N VAL A 290 4.42 20.47 -8.17
CA VAL A 290 3.19 19.70 -8.06
C VAL A 290 2.81 19.48 -6.60
N LYS A 291 3.18 20.42 -5.73
CA LYS A 291 2.78 20.30 -4.32
C LYS A 291 1.27 20.26 -4.18
N GLU A 292 0.57 21.23 -4.78
CA GLU A 292 -0.88 21.24 -4.73
C GLU A 292 -1.46 20.04 -5.47
N ASP A 293 -0.74 19.54 -6.46
CA ASP A 293 -1.20 18.35 -7.18
C ASP A 293 -1.23 17.14 -6.24
N PHE A 294 -0.14 16.94 -5.50
CA PHE A 294 -0.12 15.88 -4.49
C PHE A 294 -1.17 16.11 -3.41
N GLU A 295 -1.38 17.37 -3.03
CA GLU A 295 -2.39 17.66 -2.03
C GLU A 295 -3.76 17.22 -2.50
N LYS A 296 -4.10 17.55 -3.75
CA LYS A 296 -5.38 17.13 -4.30
C LYS A 296 -5.47 15.61 -4.36
N LEU A 297 -4.41 14.96 -4.86
CA LEU A 297 -4.42 13.50 -4.96
C LEU A 297 -4.65 12.86 -3.60
N PHE A 298 -3.97 13.35 -2.56
CA PHE A 298 -3.98 12.68 -1.28
C PHE A 298 -5.18 13.03 -0.42
N ASN A 299 -5.78 14.20 -0.60
CA ASN A 299 -7.06 14.42 0.07
C ASN A 299 -8.23 13.89 -0.72
N LEU A 300 -8.02 13.47 -1.97
CA LEU A 300 -9.04 12.73 -2.68
C LEU A 300 -8.99 11.23 -2.39
N VAL A 301 -7.80 10.66 -2.24
CA VAL A 301 -7.71 9.26 -1.85
C VAL A 301 -8.19 9.08 -0.42
N ARG A 302 -7.92 10.06 0.44
CA ARG A 302 -8.37 10.00 1.83
C ARG A 302 -8.48 11.42 2.37
N PRO A 303 -9.68 11.87 2.75
CA PRO A 303 -9.85 13.27 3.16
C PRO A 303 -8.99 13.63 4.36
N GLY A 304 -8.49 14.87 4.36
CA GLY A 304 -7.70 15.39 5.45
C GLY A 304 -6.21 15.17 5.35
N LEU A 305 -5.73 14.56 4.26
CA LEU A 305 -4.33 14.19 4.13
C LEU A 305 -3.59 15.01 3.07
N GLY A 306 -4.30 15.83 2.29
CA GLY A 306 -3.63 16.58 1.24
C GLY A 306 -2.64 17.59 1.78
N LYS A 307 -3.04 18.34 2.81
CA LYS A 307 -2.13 19.30 3.43
C LYS A 307 -0.93 18.59 4.05
N PHE A 308 -1.16 17.39 4.59
CA PHE A 308 -0.08 16.64 5.22
C PHE A 308 1.05 16.38 4.23
N VAL A 309 0.71 15.90 3.03
CA VAL A 309 1.75 15.58 2.06
C VAL A 309 2.40 16.83 1.47
N LYS A 310 1.65 17.92 1.32
CA LYS A 310 2.27 19.17 0.86
C LYS A 310 3.27 19.69 1.88
N ASP A 311 2.91 19.66 3.16
CA ASP A 311 3.86 20.04 4.20
C ASP A 311 5.05 19.07 4.21
N LEU A 312 4.79 17.80 3.97
CA LEU A 312 5.85 16.79 3.94
C LEU A 312 6.85 17.08 2.83
N ILE A 313 6.35 17.42 1.63
CA ILE A 313 7.24 17.80 0.54
C ILE A 313 7.99 19.08 0.90
N GLN A 314 7.31 20.01 1.57
CA GLN A 314 7.99 21.20 2.06
C GLN A 314 8.97 20.90 3.19
N SER A 315 8.89 19.71 3.79
CA SER A 315 9.89 19.26 4.78
C SER A 315 10.91 18.36 4.10
N SER A 316 11.61 18.92 3.12
CA SER A 316 12.65 18.22 2.38
C SER A 316 13.79 19.19 2.14
N SER A 317 14.87 18.68 1.53
CA SER A 317 16.00 19.54 1.22
C SER A 317 15.65 20.52 0.10
N GLN A 318 15.06 20.03 -0.99
CA GLN A 318 14.81 20.86 -2.16
C GLN A 318 13.59 21.76 -2.00
N ALA A 319 12.93 21.75 -0.84
CA ALA A 319 11.76 22.59 -0.65
C ALA A 319 12.13 24.06 -0.70
N GLU A 320 11.20 24.88 -1.19
CA GLU A 320 11.41 26.32 -1.21
C GLU A 320 11.50 26.89 0.20
N ASN A 321 10.76 26.31 1.14
CA ASN A 321 10.81 26.70 2.55
C ASN A 321 11.18 25.48 3.38
N LYS A 322 12.06 25.67 4.36
CA LYS A 322 12.49 24.59 5.23
C LYS A 322 11.72 24.63 6.54
N ILE A 323 11.05 23.53 6.87
CA ILE A 323 10.26 23.40 8.07
C ILE A 323 10.70 22.16 8.83
N THR A 324 10.38 22.12 10.12
CA THR A 324 10.73 21.00 10.96
C THR A 324 9.60 19.97 10.93
N VAL A 325 9.78 18.88 11.67
CA VAL A 325 8.80 17.80 11.66
C VAL A 325 7.76 17.94 12.76
N TYR A 326 7.94 18.88 13.69
CA TYR A 326 7.01 19.02 14.80
C TYR A 326 5.67 19.62 14.34
N LYS A 327 5.72 20.79 13.69
CA LYS A 327 4.48 21.37 13.18
C LYS A 327 3.90 20.52 12.07
N LEU A 328 4.76 19.82 11.32
CA LEU A 328 4.28 18.85 10.35
C LEU A 328 3.46 17.75 11.03
N ILE A 329 4.00 17.17 12.10
CA ILE A 329 3.34 16.04 12.72
C ILE A 329 2.12 16.49 13.50
N PHE A 330 2.06 17.76 13.89
CA PHE A 330 0.90 18.21 14.65
C PHE A 330 -0.04 19.10 13.87
N ASP A 331 0.14 19.26 12.56
CA ASP A 331 -0.81 20.03 11.75
C ASP A 331 -1.90 19.14 11.15
N ASN A 332 -2.53 18.33 12.01
CA ASN A 332 -3.65 17.45 11.68
C ASN A 332 -3.95 16.55 12.87
N LYS A 333 -2.89 16.05 13.50
CA LYS A 333 -2.96 15.20 14.68
C LYS A 333 -3.63 13.86 14.40
N LYS A 334 -4.95 13.87 14.18
CA LYS A 334 -5.70 12.62 14.09
C LYS A 334 -5.20 11.76 12.94
N THR A 335 -5.04 12.36 11.76
CA THR A 335 -4.65 11.59 10.59
C THR A 335 -3.28 10.95 10.78
N ILE A 336 -2.34 11.70 11.33
CA ILE A 336 -1.00 11.18 11.51
C ILE A 336 -0.98 10.09 12.58
N LEU A 337 -1.70 10.30 13.68
CA LEU A 337 -1.72 9.28 14.73
C LEU A 337 -2.39 8.01 14.25
N ASN A 338 -3.41 8.14 13.40
CA ASN A 338 -4.14 6.96 12.93
C ASN A 338 -3.50 6.39 11.67
N LEU A 339 -2.45 7.04 11.15
CA LEU A 339 -1.69 6.45 10.07
C LEU A 339 -0.43 5.76 10.57
N LEU A 340 0.19 6.32 11.60
CA LEU A 340 1.48 5.80 12.07
C LEU A 340 1.36 5.11 13.42
N LYS A 341 0.65 5.73 14.36
CA LYS A 341 0.60 5.31 15.76
C LYS A 341 2.00 5.33 16.38
N GLU A 342 -4.14 0.67 10.25
CA GLU A 342 -2.91 0.60 11.04
C GLU A 342 -2.61 -0.78 11.59
N LEU A 343 -1.99 -0.78 12.77
CA LEU A 343 -1.66 -2.01 13.50
C LEU A 343 -2.92 -2.78 13.81
N SER A 344 -2.79 -3.94 14.45
CA SER A 344 -3.96 -4.60 14.97
C SER A 344 -4.68 -3.68 15.95
N ILE A 345 -4.04 -3.45 17.09
CA ILE A 345 -4.50 -2.48 18.07
C ILE A 345 -3.17 -2.11 18.74
N PRO A 346 -2.92 -2.29 20.05
CA PRO A 346 -3.49 -2.28 21.40
C PRO A 346 -3.32 -0.89 21.96
N GLU A 347 -2.94 0.03 21.08
CA GLU A 347 -2.60 1.38 21.48
C GLU A 347 -3.47 2.46 20.85
N LEU A 348 -4.08 2.21 19.69
CA LEU A 348 -4.89 3.24 19.06
C LEU A 348 -6.10 3.60 19.94
N ASN A 349 -6.97 2.62 20.18
CA ASN A 349 -8.15 2.90 20.99
C ASN A 349 -7.79 3.10 22.45
N SER A 350 -6.66 2.55 22.89
CA SER A 350 -6.19 2.80 24.26
C SER A 350 -5.82 4.26 24.45
N SER A 351 -5.07 4.83 23.49
CA SER A 351 -4.72 6.24 23.54
C SER A 351 -5.92 7.11 23.17
N LEU A 352 -6.97 6.49 22.62
CA LEU A 352 -8.21 7.24 22.40
C LEU A 352 -8.87 7.65 23.71
N GLY A 353 -8.28 7.33 24.85
CA GLY A 353 -8.67 7.93 26.11
C GLY A 353 -7.87 9.19 26.36
N LEU A 354 -6.77 9.34 25.61
CA LEU A 354 -5.94 10.54 25.67
C LEU A 354 -5.83 11.27 24.35
N VAL A 355 -6.17 10.62 23.22
CA VAL A 355 -6.13 11.30 21.92
C VAL A 355 -7.08 12.48 21.91
N ASP A 356 -8.32 12.28 22.39
CA ASP A 356 -9.24 13.40 22.53
C ASP A 356 -8.72 14.40 23.55
N VAL A 357 -8.13 13.90 24.64
CA VAL A 357 -7.47 14.78 25.60
C VAL A 357 -6.31 15.51 24.94
N LEU A 358 -5.59 14.83 24.04
CA LEU A 358 -4.49 15.47 23.33
C LEU A 358 -4.99 16.59 22.43
N PHE A 359 -6.17 16.42 21.84
CA PHE A 359 -6.81 17.47 21.06
C PHE A 359 -7.27 18.66 21.90
N ASP A 360 -7.41 18.49 23.21
CA ASP A 360 -7.97 19.55 24.04
C ASP A 360 -7.07 20.77 24.06
N GLY A 361 -7.69 21.94 24.02
CA GLY A 361 -6.96 23.20 24.11
C GLY A 361 -6.41 23.72 22.80
N ILE A 362 -6.61 23.00 21.70
CA ILE A 362 -6.12 23.45 20.40
C ILE A 362 -7.02 24.56 19.87
N THR A 363 -1.58 23.70 26.18
CA THR A 363 -2.54 23.14 25.23
C THR A 363 -2.90 24.17 24.15
N ASP A 364 -2.87 25.45 24.53
CA ASP A 364 -3.15 26.53 23.61
C ASP A 364 -1.90 26.92 22.87
N SER A 365 -2.04 27.84 21.91
CA SER A 365 -0.94 28.22 21.04
C SER A 365 0.18 28.85 21.86
N ASP A 366 1.42 28.69 21.37
CA ASP A 366 2.64 29.16 22.01
C ASP A 366 2.96 28.38 23.28
N GLY A 367 2.07 27.46 23.65
CA GLY A 367 2.34 26.51 24.72
C GLY A 367 1.98 25.11 24.28
N LEU A 368 1.26 25.03 23.15
CA LEU A 368 0.87 23.74 22.58
C LEU A 368 2.10 22.92 22.21
N TYR A 369 3.08 23.56 21.58
CA TYR A 369 4.31 22.86 21.22
C TYR A 369 5.00 22.27 22.45
N GLU A 370 5.16 23.09 23.50
CA GLU A 370 5.84 22.62 24.70
C GLU A 370 5.08 21.49 25.37
N ARG A 371 3.76 21.61 25.47
CA ARG A 371 2.99 20.57 26.14
C ARG A 371 2.98 19.28 25.33
N LEU A 372 2.97 19.39 24.00
CA LEU A 372 3.02 18.18 23.17
C LEU A 372 4.37 17.49 23.30
N GLN A 373 5.46 18.27 23.31
CA GLN A 373 6.78 17.68 23.53
C GLN A 373 6.84 17.02 24.91
N SER A 374 6.17 17.61 25.90
CA SER A 374 6.15 17.01 27.23
C SER A 374 5.37 15.70 27.25
N PHE A 375 4.22 15.66 26.60
CA PHE A 375 3.38 14.47 26.58
C PHE A 375 3.83 13.42 25.58
N LYS A 376 4.85 13.72 24.76
CA LYS A 376 5.42 12.67 23.94
C LYS A 376 5.97 11.53 24.79
N ASP A 377 6.29 11.81 26.07
CA ASP A 377 6.84 10.79 26.94
C ASP A 377 5.88 9.61 27.10
N LEU A 378 4.58 9.89 27.25
CA LEU A 378 3.60 8.82 27.28
C LEU A 378 2.94 8.57 25.93
N ILE A 379 3.19 9.43 24.93
CA ILE A 379 2.72 9.13 23.58
C ILE A 379 3.59 8.04 22.94
N VAL A 380 4.87 7.98 23.31
CA VAL A 380 5.87 7.20 22.57
C VAL A 380 5.66 5.68 22.58
N PRO A 381 4.99 5.04 23.56
CA PRO A 381 4.79 3.58 23.43
C PRO A 381 4.02 3.19 22.18
N ALA A 382 2.89 3.84 21.92
CA ALA A 382 2.15 3.61 20.69
C ALA A 382 3.03 3.87 19.48
N VAL A 383 3.86 4.90 19.55
CA VAL A 383 4.74 5.24 18.44
C VAL A 383 5.72 4.10 18.16
N LYS A 384 6.27 3.51 19.22
CA LYS A 384 7.28 2.48 19.10
C LYS A 384 6.70 1.08 18.95
N THR A 385 5.38 0.93 18.95
CA THR A 385 4.76 -0.36 18.71
C THR A 385 4.60 -0.66 17.19
N ASN A 386 5.44 -0.03 16.37
CA ASN A 386 5.37 -0.10 14.91
C ASN A 386 5.94 -1.41 14.37
N GLU A 387 6.46 -1.36 13.13
CA GLU A 387 6.86 -2.49 12.28
C GLU A 387 5.69 -3.17 11.58
N LYS A 388 4.80 -2.38 10.99
CA LYS A 388 4.00 -2.81 9.85
C LYS A 388 4.37 -1.92 8.65
N THR A 389 3.57 -2.02 7.58
CA THR A 389 3.81 -1.28 6.34
C THR A 389 4.30 0.16 6.57
N ALA A 390 3.59 0.91 7.40
CA ALA A 390 4.04 2.25 7.79
C ALA A 390 5.18 2.08 8.77
N ALA A 391 6.42 2.28 8.30
CA ALA A 391 7.60 1.92 9.07
C ALA A 391 8.44 3.12 9.49
N LEU A 392 7.98 4.34 9.23
CA LEU A 392 8.73 5.55 9.59
C LEU A 392 8.34 6.11 10.96
N SER A 393 7.58 5.35 11.75
CA SER A 393 7.29 5.74 13.12
C SER A 393 8.54 5.83 13.99
N PRO A 394 9.50 4.88 13.95
CA PRO A 394 10.74 5.12 14.68
C PRO A 394 11.45 6.39 14.24
N LEU A 395 11.45 6.67 12.94
CA LEU A 395 12.08 7.89 12.44
C LEU A 395 11.42 9.12 13.02
N ILE A 396 10.08 9.14 13.05
CA ILE A 396 9.40 10.30 13.61
C ILE A 396 9.61 10.37 15.12
N GLU A 397 9.78 9.24 15.80
CA GLU A 397 9.99 9.33 17.24
C GLU A 397 11.37 9.89 17.56
N GLU A 398 12.40 9.54 16.78
CA GLU A 398 13.68 10.22 16.99
C GLU A 398 13.59 11.69 16.60
N LEU A 399 12.87 12.00 15.52
CA LEU A 399 12.72 13.39 15.10
C LEU A 399 11.92 14.22 16.09
N LEU A 400 11.09 13.57 16.92
CA LEU A 400 10.25 14.26 17.87
C LEU A 400 10.83 14.31 19.27
N THR A 401 11.68 13.34 19.64
CA THR A 401 12.32 13.36 20.96
C THR A 401 13.22 14.57 21.11
N GLN A 402 14.04 14.84 20.09
CA GLN A 402 14.95 15.98 20.09
C GLN A 402 14.71 16.82 18.85
N LYS A 403 15.23 18.04 18.87
CA LYS A 403 15.01 18.97 17.78
C LYS A 403 15.79 18.53 16.54
N ASP A 404 15.38 19.07 15.40
CA ASP A 404 16.06 18.83 14.13
C ASP A 404 16.10 20.14 13.33
N THR A 405 17.26 20.44 12.76
CA THR A 405 17.51 21.77 12.23
C THR A 405 17.80 21.79 10.74
N TYR A 406 18.77 21.01 10.26
CA TYR A 406 19.38 21.29 8.96
C TYR A 406 18.63 20.71 7.77
N VAL A 407 17.91 19.60 7.94
CA VAL A 407 17.09 18.90 6.94
C VAL A 407 17.82 18.69 5.60
N PHE A 408 18.97 19.30 5.42
CA PHE A 408 19.73 19.18 4.17
C PHE A 408 20.74 18.03 4.22
N ASP A 409 20.27 16.85 4.67
CA ASP A 409 20.93 15.54 4.76
C ASP A 409 20.62 14.90 6.11
N LEU A 410 20.66 15.69 7.18
CA LEU A 410 20.26 15.17 8.49
C LEU A 410 18.84 14.63 8.45
N ILE A 411 17.88 15.44 8.00
CA ILE A 411 16.62 14.84 7.59
C ILE A 411 16.71 14.57 6.10
N GLN A 412 17.59 13.65 5.73
CA GLN A 412 17.50 12.87 4.49
C GLN A 412 18.03 11.46 4.68
N LYS A 413 18.84 11.20 5.71
CA LYS A 413 19.38 9.90 6.00
C LYS A 413 18.35 8.96 6.60
N HIS A 414 17.19 9.47 6.99
CA HIS A 414 16.15 8.61 7.55
C HIS A 414 15.66 7.59 6.54
N LYS A 415 15.64 7.96 5.26
CA LYS A 415 15.29 7.10 4.13
C LYS A 415 13.83 6.66 4.18
N GLY A 416 13.14 7.03 5.27
CA GLY A 416 11.69 6.94 5.31
C GLY A 416 11.16 8.27 4.82
N ILE A 417 11.49 8.58 3.58
CA ILE A 417 11.41 9.96 3.09
C ILE A 417 10.37 9.95 1.97
N LEU A 418 10.13 11.13 1.37
CA LEU A 418 9.05 11.36 0.42
C LEU A 418 8.84 10.19 -0.54
N THR A 419 9.91 9.71 -1.18
CA THR A 419 9.75 8.65 -2.17
C THR A 419 9.31 7.34 -1.53
N ASN A 420 9.93 6.97 -0.41
CA ASN A 420 9.57 5.72 0.26
C ASN A 420 8.12 5.74 0.74
N LEU A 421 7.73 6.85 1.35
CA LEU A 421 6.35 6.95 1.84
C LEU A 421 5.35 7.02 0.67
N LEU A 422 5.74 7.66 -0.43
CA LEU A 422 4.92 7.64 -1.63
C LEU A 422 4.70 6.21 -2.11
N LYS A 423 5.77 5.42 -2.14
CA LYS A 423 5.64 4.02 -2.53
C LYS A 423 4.74 3.27 -1.57
N ASN A 424 4.86 3.54 -0.27
CA ASN A 424 4.04 2.84 0.72
C ASN A 424 2.56 3.14 0.51
N PHE A 425 2.21 4.43 0.43
CA PHE A 425 0.80 4.77 0.26
C PHE A 425 0.26 4.35 -1.10
N LEU A 426 1.08 4.38 -2.15
CA LEU A 426 0.59 3.93 -3.45
C LEU A 426 0.41 2.41 -3.46
N ALA A 427 1.25 1.69 -2.73
CA ALA A 427 1.04 0.25 -2.57
C ALA A 427 -0.24 -0.02 -1.80
N ASP A 428 -0.53 0.78 -0.79
CA ASP A 428 -1.81 0.65 -0.10
C ASP A 428 -2.98 0.91 -1.03
N PHE A 429 -2.85 1.95 -1.87
CA PHE A 429 -3.89 2.26 -2.85
C PHE A 429 -4.09 1.11 -3.83
N GLN A 430 -2.99 0.50 -4.29
CA GLN A 430 -3.08 -0.66 -5.16
C GLN A 430 -3.75 -1.83 -4.46
N LYS A 431 -3.42 -2.05 -3.18
CA LYS A 431 -4.08 -3.10 -2.42
C LYS A 431 -5.58 -2.83 -2.30
N SER A 432 -5.97 -1.55 -2.29
CA SER A 432 -7.38 -1.19 -2.34
C SER A 432 -7.93 -1.12 -3.76
N THR A 433 -7.07 -0.85 -4.75
CA THR A 433 -7.49 -0.72 -6.15
C THR A 433 -6.57 -1.58 -7.00
N PRO A 434 -6.92 -2.85 -7.20
CA PRO A 434 -5.95 -3.81 -7.76
C PRO A 434 -5.62 -3.59 -9.23
N PHE A 435 -6.44 -2.88 -10.00
CA PHE A 435 -6.29 -2.93 -11.45
C PHE A 435 -5.40 -1.84 -12.03
N MET A 436 -4.86 -0.94 -11.22
CA MET A 436 -3.78 -0.07 -11.68
C MET A 436 -2.41 -0.63 -11.31
N ALA A 437 -2.16 -1.89 -11.68
CA ALA A 437 -0.97 -2.58 -11.21
C ALA A 437 0.30 -2.10 -11.93
N ASP A 438 0.15 -1.49 -13.12
CA ASP A 438 1.32 -1.11 -13.90
C ASP A 438 2.16 -0.07 -13.18
N GLN A 439 1.52 0.96 -12.63
CA GLN A 439 2.26 2.05 -11.99
C GLN A 439 3.00 1.56 -10.76
N VAL A 440 2.31 0.83 -9.89
CA VAL A 440 2.93 0.33 -8.67
C VAL A 440 4.04 -0.66 -9.02
N ALA A 441 3.82 -1.49 -10.03
CA ALA A 441 4.84 -2.45 -10.44
C ALA A 441 6.10 -1.73 -10.91
N ILE A 442 5.94 -0.81 -11.85
CA ILE A 442 7.10 -0.14 -12.41
C ILE A 442 7.82 0.66 -11.32
N PHE A 443 7.07 1.22 -10.37
CA PHE A 443 7.71 1.87 -9.24
C PHE A 443 8.47 0.86 -8.39
N THR A 444 7.97 -0.37 -8.30
CA THR A 444 8.68 -1.37 -7.50
C THR A 444 10.03 -1.71 -8.10
N GLU A 445 10.11 -1.94 -9.42
CA GLU A 445 11.46 -2.21 -9.95
C GLU A 445 12.27 -0.92 -10.05
N LEU A 446 11.60 0.24 -10.00
CA LEU A 446 12.34 1.49 -9.87
C LEU A 446 13.04 1.56 -8.51
N PHE A 447 12.36 1.12 -7.45
CA PHE A 447 12.92 1.12 -6.11
C PHE A 447 13.54 -0.22 -5.73
N ASP A 448 13.60 -1.17 -6.65
CA ASP A 448 14.15 -2.49 -6.34
C ASP A 448 15.63 -2.43 -6.01
N ASN A 449 16.33 -1.36 -6.39
CA ASN A 449 17.75 -1.22 -6.11
C ASN A 449 17.95 -0.42 -4.83
N GLU A 450 19.05 -0.71 -4.14
CA GLU A 450 19.41 0.05 -2.95
C GLU A 450 19.85 1.48 -3.29
N GLY A 451 20.13 1.74 -4.57
CA GLY A 451 20.54 3.06 -5.02
C GLY A 451 19.36 3.92 -5.42
N ALA A 452 19.64 4.88 -6.31
CA ALA A 452 18.67 5.85 -6.82
C ALA A 452 18.09 6.71 -5.71
N PHE A 453 18.71 6.72 -4.53
CA PHE A 453 18.24 7.53 -3.42
C PHE A 453 18.61 8.99 -3.58
N ASP A 454 19.64 9.31 -4.36
CA ASP A 454 19.99 10.71 -4.60
C ASP A 454 19.01 11.38 -5.54
N LEU A 455 18.38 10.63 -6.44
CA LEU A 455 17.31 11.20 -7.25
C LEU A 455 16.10 11.57 -6.42
N PHE A 456 16.03 11.10 -5.17
CA PHE A 456 15.03 11.57 -4.24
C PHE A 456 15.48 12.82 -3.51
N GLY A 457 16.45 13.52 -4.10
CA GLY A 457 17.04 14.72 -3.55
C GLY A 457 17.56 15.65 -4.64
N GLU A 458 18.76 16.18 -4.45
CA GLU A 458 19.34 17.12 -5.41
C GLU A 458 20.12 16.37 -6.48
N ALA A 459 19.50 16.20 -7.65
CA ALA A 459 20.13 15.54 -8.78
C ALA A 459 19.35 15.94 -10.04
N ASP A 460 19.57 15.20 -11.13
CA ASP A 460 18.82 15.40 -12.38
C ASP A 460 18.10 14.09 -12.71
N PHE A 461 16.77 14.14 -12.83
CA PHE A 461 15.98 12.90 -12.83
C PHE A 461 16.19 12.09 -14.10
N VAL A 462 15.84 12.65 -15.25
CA VAL A 462 15.85 11.86 -16.48
C VAL A 462 17.25 11.40 -16.85
N ASP A 463 18.25 12.26 -16.66
CA ASP A 463 19.61 11.88 -17.02
C ASP A 463 20.12 10.79 -16.09
N LYS A 464 19.84 10.90 -14.79
CA LYS A 464 20.28 9.85 -13.87
C LYS A 464 19.55 8.54 -14.13
N ILE A 465 18.24 8.59 -14.43
CA ILE A 465 17.54 7.33 -14.70
C ILE A 465 18.02 6.75 -16.02
N ALA A 466 18.46 7.59 -16.94
CA ALA A 466 19.13 7.09 -18.13
C ALA A 466 20.43 6.38 -17.75
N GLU A 467 21.18 6.95 -16.82
CA GLU A 467 22.33 6.25 -16.26
C GLU A 467 21.90 4.93 -15.63
N LEU A 468 20.64 4.83 -15.20
CA LEU A 468 20.09 3.62 -14.60
C LEU A 468 19.37 2.75 -15.64
N PHE A 469 18.57 3.37 -16.51
CA PHE A 469 17.81 2.62 -17.51
C PHE A 469 18.54 2.44 -18.85
N LEU A 470 19.40 3.37 -19.24
CA LEU A 470 19.95 3.37 -20.60
C LEU A 470 21.46 3.52 -20.58
N THR A 471 22.13 2.74 -19.75
CA THR A 471 23.59 2.78 -19.65
C THR A 471 24.12 1.39 -19.36
N LYS A 472 24.91 0.84 -20.29
CA LYS A 472 25.69 -0.34 -20.00
C LYS A 472 26.95 0.06 -19.24
N ARG A 473 26.99 -0.25 -17.95
CA ARG A 473 28.05 0.22 -17.07
C ARG A 473 29.30 -0.62 -17.29
N THR A 474 30.36 0.03 -17.76
CA THR A 474 31.61 -0.64 -18.12
C THR A 474 32.80 0.16 -17.59
N VAL A 475 32.75 0.54 -16.31
CA VAL A 475 33.74 1.46 -15.75
C VAL A 475 35.03 0.72 -15.46
N LYS A 476 35.92 0.68 -16.46
CA LYS A 476 37.25 0.09 -16.36
C LYS A 476 37.99 0.36 -17.66
N ASN A 477 39.23 -0.12 -17.76
CA ASN A 477 40.01 0.10 -18.98
C ASN A 477 40.79 -1.11 -19.45
N GLY A 478 40.57 -2.29 -18.88
CA GLY A 478 41.35 -3.44 -19.30
C GLY A 478 41.02 -3.95 -20.68
N GLU A 479 39.88 -4.62 -20.84
CA GLU A 479 39.35 -4.94 -22.17
C GLU A 479 37.93 -4.43 -22.38
N LYS A 480 36.99 -4.87 -21.54
CA LYS A 480 35.58 -4.50 -21.68
C LYS A 480 34.78 -4.97 -20.48
N ILE A 481 33.95 -4.11 -19.90
CA ILE A 481 33.08 -4.47 -18.79
C ILE A 481 31.65 -4.21 -19.22
N GLU A 482 31.36 -4.42 -20.51
CA GLU A 482 30.07 -4.08 -21.08
C GLU A 482 28.94 -4.97 -20.55
N THR A 483 29.25 -6.05 -19.82
CA THR A 483 28.25 -7.01 -19.37
C THR A 483 27.45 -6.47 -18.18
N LYS A 484 26.88 -5.28 -18.38
CA LYS A 484 26.00 -4.66 -17.40
C LYS A 484 24.77 -4.09 -18.11
N ASP A 485 24.12 -4.92 -18.93
CA ASP A 485 22.95 -4.55 -19.72
C ASP A 485 22.03 -3.61 -18.96
N SER A 486 21.64 -2.52 -19.62
CA SER A 486 20.90 -1.47 -18.96
C SER A 486 19.48 -1.92 -18.65
N LEU A 487 18.84 -1.18 -17.74
CA LEU A 487 17.56 -1.61 -17.19
C LEU A 487 16.43 -1.50 -18.21
N LEU A 488 16.39 -0.42 -18.98
CA LEU A 488 15.30 -0.27 -19.94
C LEU A 488 15.40 -1.33 -21.03
N VAL A 489 16.62 -1.75 -21.37
CA VAL A 489 16.80 -2.84 -22.32
C VAL A 489 16.16 -4.11 -21.80
N THR A 490 16.40 -4.42 -20.52
CA THR A 490 15.78 -5.61 -19.93
C THR A 490 14.27 -5.46 -19.88
N SER A 491 13.77 -4.26 -19.58
CA SER A 491 12.33 -4.05 -19.51
C SER A 491 11.67 -4.30 -20.87
N LEU A 492 12.27 -3.78 -21.94
CA LEU A 492 11.69 -3.99 -23.27
C LEU A 492 11.92 -5.40 -23.79
N LYS A 493 13.02 -6.06 -23.39
CA LYS A 493 13.23 -7.43 -23.82
C LYS A 493 12.31 -8.39 -23.07
N SER A 494 11.86 -8.00 -21.89
CA SER A 494 10.81 -8.77 -21.22
C SER A 494 9.44 -8.43 -21.80
N LEU A 495 9.24 -7.19 -22.20
CA LEU A 495 7.91 -6.76 -22.65
C LEU A 495 7.65 -7.22 -24.08
N LEU A 496 8.45 -6.75 -25.03
CA LEU A 496 8.39 -7.21 -26.42
C LEU A 496 9.53 -8.20 -26.64
N GLY A 497 9.38 -9.40 -26.09
CA GLY A 497 10.46 -10.38 -26.12
C GLY A 497 10.61 -11.14 -27.42
N GLU A 498 9.61 -11.95 -27.76
CA GLU A 498 9.66 -12.79 -28.94
C GLU A 498 8.35 -12.75 -29.72
N LYS A 499 7.63 -11.63 -29.64
CA LYS A 499 6.37 -11.50 -30.38
C LYS A 499 6.61 -11.55 -31.88
N VAL A 500 7.69 -10.92 -32.35
CA VAL A 500 8.10 -10.98 -33.75
C VAL A 500 9.56 -11.42 -33.81
N ALA A 501 9.86 -12.30 -34.77
CA ALA A 501 11.20 -12.86 -34.88
C ALA A 501 12.08 -12.14 -35.91
N ALA A 502 11.51 -11.27 -36.74
CA ALA A 502 12.30 -10.59 -37.76
C ALA A 502 13.19 -9.52 -37.15
N LEU A 503 12.57 -8.53 -36.50
CA LEU A 503 13.28 -7.38 -35.96
C LEU A 503 13.90 -7.64 -34.59
N GLY A 504 13.94 -8.87 -34.10
CA GLY A 504 14.63 -9.13 -32.84
C GLY A 504 16.12 -8.88 -32.93
N ASP A 505 16.74 -9.38 -34.01
CA ASP A 505 18.16 -9.07 -34.22
C ASP A 505 18.36 -7.58 -34.45
N LEU A 506 17.39 -6.91 -35.08
CA LEU A 506 17.46 -5.45 -35.20
C LEU A 506 17.44 -4.80 -33.83
N LEU A 507 16.55 -5.26 -32.94
CA LEU A 507 16.45 -4.69 -31.61
C LEU A 507 17.76 -4.84 -30.86
N ASP A 508 18.41 -6.01 -31.00
CA ASP A 508 19.72 -6.19 -30.38
C ASP A 508 20.77 -5.29 -31.04
N SER A 509 20.75 -5.19 -32.37
CA SER A 509 21.88 -4.63 -33.10
C SER A 509 21.88 -3.10 -33.10
N TYR A 510 20.80 -2.48 -33.55
CA TYR A 510 20.75 -1.03 -33.62
C TYR A 510 19.74 -0.38 -32.68
N ILE A 511 18.82 -1.15 -32.09
CA ILE A 511 17.96 -0.56 -31.08
C ILE A 511 18.58 -0.69 -29.69
N PHE A 512 19.30 -1.79 -29.40
CA PHE A 512 19.90 -1.98 -28.09
C PHE A 512 21.43 -1.85 -28.04
N LYS A 513 22.16 -2.39 -29.00
CA LYS A 513 23.61 -2.22 -28.99
C LYS A 513 24.03 -0.78 -29.27
N ASN A 514 23.04 0.09 -29.45
CA ASN A 514 23.25 1.52 -29.66
C ASN A 514 23.73 2.19 -28.39
N GLU A 515 24.22 3.41 -28.54
CA GLU A 515 24.39 4.28 -27.39
C GLU A 515 23.10 4.99 -27.01
N LEU A 516 22.07 4.90 -27.86
CA LEU A 516 20.79 5.54 -27.56
C LEU A 516 19.98 4.74 -26.56
N LEU A 517 20.08 3.41 -26.59
CA LEU A 517 19.47 2.58 -25.56
C LEU A 517 20.49 1.82 -24.71
N ASN A 518 21.78 2.05 -24.93
CA ASN A 518 22.82 1.53 -24.04
C ASN A 518 23.98 2.53 -24.09
N ARG A 519 24.03 3.44 -23.11
CA ARG A 519 24.94 4.58 -23.15
C ARG A 519 26.39 4.14 -23.29
N SER A 520 26.79 3.09 -22.57
CA SER A 520 28.17 2.62 -22.54
C SER A 520 29.11 3.74 -22.07
N VAL A 521 28.92 4.13 -20.81
CA VAL A 521 29.72 5.20 -20.22
C VAL A 521 31.18 4.76 -20.14
N GLU A 522 32.07 5.75 -20.14
CA GLU A 522 33.52 5.58 -20.05
C GLU A 522 34.08 4.99 -21.34
N VAL A 523 33.21 4.52 -22.23
CA VAL A 523 33.63 4.15 -23.58
C VAL A 523 33.70 5.39 -24.45
N ALA A 524 32.80 6.35 -24.22
CA ALA A 524 32.93 7.65 -24.85
C ALA A 524 34.30 8.25 -24.56
N LYS A 525 34.71 8.22 -23.28
CA LYS A 525 36.10 8.54 -22.92
C LYS A 525 36.97 7.29 -22.87
N ALA A 526 36.90 6.45 -23.89
CA ALA A 526 37.88 5.39 -24.14
C ALA A 526 38.28 5.29 -25.61
N GLU A 527 37.46 5.77 -26.53
CA GLU A 527 37.74 5.75 -27.96
C GLU A 527 38.11 7.11 -28.52
N ALA A 528 37.66 8.19 -27.89
CA ALA A 528 38.00 9.55 -28.31
C ALA A 528 38.80 10.29 -27.25
N LYS A 529 38.26 10.42 -26.03
CA LYS A 529 38.93 11.09 -24.91
C LYS A 529 39.34 12.52 -25.28
N ASP A 530 38.44 13.24 -25.94
CA ASP A 530 38.66 14.65 -26.23
C ASP A 530 37.43 15.52 -26.06
N THR A 531 36.30 14.97 -25.61
CA THR A 531 35.07 15.71 -25.37
C THR A 531 34.60 16.41 -26.65
N LYS A 532 34.23 15.60 -27.64
CA LYS A 532 33.59 16.13 -28.83
C LYS A 532 32.08 16.18 -28.63
N GLY A 533 31.39 16.81 -29.58
CA GLY A 533 29.96 16.98 -29.46
C GLY A 533 29.22 15.66 -29.45
N ALA A 534 29.57 14.76 -30.37
CA ALA A 534 28.94 13.45 -30.43
C ALA A 534 29.53 12.47 -29.45
N THR A 535 30.62 12.83 -28.76
CA THR A 535 31.25 11.91 -27.83
C THR A 535 30.36 11.62 -26.63
N ASP A 536 29.84 12.67 -26.00
CA ASP A 536 29.07 12.52 -24.76
C ASP A 536 27.72 11.89 -25.09
N TYR A 537 27.63 10.57 -24.97
CA TYR A 537 26.45 9.81 -25.36
C TYR A 537 25.36 9.80 -24.32
N LYS A 538 25.61 10.30 -23.11
CA LYS A 538 24.53 10.46 -22.15
C LYS A 538 23.55 11.51 -22.59
N LYS A 539 23.99 12.49 -23.37
CA LYS A 539 23.13 13.59 -23.81
C LYS A 539 22.33 13.26 -25.06
N GLU A 540 22.93 12.55 -26.01
CA GLU A 540 22.25 12.31 -27.28
C GLU A 540 21.03 11.40 -27.08
N GLN A 541 21.14 10.40 -26.20
CA GLN A 541 19.94 9.70 -25.77
C GLN A 541 19.05 10.62 -24.95
N ALA A 542 19.66 11.43 -24.10
CA ALA A 542 18.88 12.33 -23.24
C ALA A 542 18.11 13.34 -24.06
N LYS A 543 18.68 13.82 -25.17
CA LYS A 543 17.95 14.77 -26.00
C LYS A 543 16.62 14.19 -26.46
N ALA A 544 16.63 12.97 -26.99
CA ALA A 544 15.40 12.37 -27.48
C ALA A 544 14.46 11.99 -26.34
N LEU A 545 15.00 11.42 -25.26
CA LEU A 545 14.13 11.07 -24.13
C LEU A 545 13.50 12.30 -23.50
N LYS A 546 14.27 13.37 -23.37
CA LYS A 546 13.75 14.61 -22.82
C LYS A 546 12.74 15.24 -23.76
N LYS A 547 12.95 15.12 -25.08
CA LYS A 547 11.95 15.63 -26.01
C LYS A 547 10.65 14.84 -25.90
N LEU A 548 10.74 13.52 -25.70
CA LEU A 548 9.54 12.74 -25.47
C LEU A 548 8.84 13.17 -24.19
N PHE A 549 9.61 13.41 -23.12
CA PHE A 549 9.02 13.93 -21.89
C PHE A 549 8.38 15.31 -22.08
N LYS A 550 9.05 16.19 -22.80
CA LYS A 550 8.46 17.50 -23.07
C LYS A 550 7.16 17.35 -23.84
N HIS A 551 7.14 16.50 -24.86
CA HIS A 551 5.95 16.32 -25.66
C HIS A 551 4.81 15.75 -24.83
N ILE A 552 5.09 14.74 -24.00
CA ILE A 552 4.05 14.21 -23.14
C ILE A 552 3.58 15.26 -22.15
N GLY A 553 4.46 16.17 -21.76
CA GLY A 553 4.15 17.21 -20.81
C GLY A 553 3.49 18.44 -21.37
N GLU A 554 3.23 18.51 -22.68
CA GLU A 554 2.61 19.71 -23.23
C GLU A 554 1.51 19.42 -24.26
N ASN A 555 1.57 18.26 -24.91
CA ASN A 555 0.60 17.93 -25.95
C ASN A 555 -0.30 16.76 -25.56
N THR A 556 0.29 15.62 -25.19
CA THR A 556 -0.52 14.44 -24.92
C THR A 556 -1.12 14.51 -23.52
N LEU A 557 -0.28 14.46 -22.49
CA LEU A 557 -0.76 14.48 -21.10
C LEU A 557 -0.70 15.87 -20.50
N SER A 558 -0.88 16.91 -21.31
CA SER A 558 -1.01 18.25 -20.76
C SER A 558 -2.37 18.40 -20.08
N LYS A 559 -2.52 19.48 -19.32
CA LYS A 559 -3.81 19.76 -18.71
C LYS A 559 -4.87 20.06 -19.77
N THR A 560 -4.51 20.83 -20.80
CA THR A 560 -5.49 21.21 -21.81
C THR A 560 -6.04 19.99 -22.54
N ASN A 561 -5.16 19.06 -22.90
CA ASN A 561 -5.60 17.87 -23.62
C ASN A 561 -6.26 16.86 -22.68
N LEU A 562 -5.79 16.76 -21.45
CA LEU A 562 -6.44 15.87 -20.48
C LEU A 562 -7.77 16.40 -19.98
N ASP A 563 -8.12 17.65 -20.31
CA ASP A 563 -9.45 18.14 -19.98
C ASP A 563 -10.53 17.28 -20.61
N LYS A 564 -10.36 16.92 -21.88
CA LYS A 564 -11.37 16.18 -22.62
C LYS A 564 -11.22 14.67 -22.42
N ILE A 565 -11.20 14.24 -21.17
CA ILE A 565 -11.40 12.85 -20.79
C ILE A 565 -12.44 12.89 -19.67
N THR A 566 -13.71 12.74 -20.03
CA THR A 566 -14.81 13.03 -19.13
C THR A 566 -15.57 11.77 -18.77
N LEU A 567 -15.98 11.68 -17.51
CA LEU A 567 -16.80 10.60 -17.00
C LEU A 567 -18.18 11.14 -16.66
N LYS A 568 -19.22 10.40 -17.07
CA LYS A 568 -20.59 10.84 -16.89
C LYS A 568 -21.44 9.72 -16.31
N GLU A 569 -22.51 10.12 -15.63
CA GLU A 569 -23.46 9.17 -15.09
C GLU A 569 -24.25 8.49 -16.21
N VAL A 570 -24.72 7.27 -15.93
CA VAL A 570 -25.60 6.59 -16.88
C VAL A 570 -26.91 6.19 -16.21
N LYS A 571 -26.84 5.31 -15.21
CA LYS A 571 -28.05 4.97 -14.47
C LYS A 571 -28.11 5.69 -13.13
N ASN A 572 -27.17 5.37 -12.24
CA ASN A 572 -26.88 6.12 -11.02
C ASN A 572 -28.10 6.71 -10.32
N THR A 573 -29.22 5.98 -10.28
CA THR A 573 -30.41 6.53 -9.65
C THR A 573 -31.17 5.56 -8.76
N GLU A 574 -31.02 4.26 -8.92
CA GLU A 574 -31.81 3.32 -8.15
C GLU A 574 -31.19 3.09 -6.78
N ASN A 575 -31.96 3.36 -5.74
CA ASN A 575 -31.47 3.17 -4.39
C ASN A 575 -31.18 1.69 -4.16
N VAL A 576 -29.98 1.40 -3.66
CA VAL A 576 -29.52 0.01 -3.52
C VAL A 576 -29.94 -0.45 -2.13
N GLU A 577 -31.20 -0.83 -2.01
CA GLU A 577 -31.73 -1.27 -0.72
C GLU A 577 -31.09 -2.59 -0.30
N LEU A 578 -30.97 -2.76 1.00
CA LEU A 578 -30.29 -3.91 1.57
C LEU A 578 -31.27 -5.06 1.82
N GLU A 579 -30.74 -6.28 1.81
CA GLU A 579 -31.50 -7.47 2.15
C GLU A 579 -30.98 -8.04 3.45
N GLU A 580 -31.89 -8.34 4.37
CA GLU A 580 -31.54 -8.86 5.68
C GLU A 580 -32.23 -10.21 5.89
N THR A 581 -31.46 -11.19 6.34
CA THR A 581 -32.01 -12.51 6.64
C THR A 581 -31.24 -13.10 7.83
N GLU A 582 -31.75 -12.83 9.04
CA GLU A 582 -31.14 -13.30 10.29
C GLU A 582 -29.71 -12.78 10.33
N THR A 583 -28.71 -13.63 10.62
CA THR A 583 -27.33 -13.18 10.76
C THR A 583 -26.65 -13.06 9.40
N THR A 584 -27.22 -12.19 8.57
CA THR A 584 -26.68 -11.92 7.24
C THR A 584 -27.23 -10.56 6.77
N LEU A 585 -26.56 -9.98 5.79
CA LEU A 585 -27.00 -8.72 5.18
C LEU A 585 -26.61 -8.73 3.71
N LYS A 586 -27.60 -8.60 2.83
CA LYS A 586 -27.39 -8.82 1.40
C LYS A 586 -27.75 -7.57 0.59
N VAL A 587 -27.17 -7.49 -0.61
CA VAL A 587 -27.46 -6.46 -1.59
C VAL A 587 -28.42 -7.03 -2.62
N LYS A 588 -29.54 -6.35 -2.84
CA LYS A 588 -30.55 -6.85 -3.76
C LYS A 588 -30.03 -6.86 -5.19
N LYS A 589 -29.71 -5.68 -5.72
CA LYS A 589 -29.26 -5.55 -7.10
C LYS A 589 -28.55 -4.22 -7.31
N LEU A 590 -27.54 -4.19 -8.18
CA LEU A 590 -26.82 -2.96 -8.50
C LEU A 590 -26.77 -2.75 -10.01
N ASP A 591 -26.95 -1.51 -10.44
CA ASP A 591 -26.86 -1.15 -11.85
C ASP A 591 -26.26 0.24 -11.96
N VAL A 592 -24.95 0.29 -12.19
CA VAL A 592 -24.25 1.55 -12.43
C VAL A 592 -23.38 1.40 -13.67
N GLU A 593 -23.42 2.42 -14.52
CA GLU A 593 -22.66 2.46 -15.77
C GLU A 593 -22.02 3.83 -15.90
N TYR A 594 -20.84 3.87 -16.51
CA TYR A 594 -20.09 5.13 -16.59
C TYR A 594 -19.41 5.22 -17.96
N LYS A 595 -20.09 5.91 -18.89
CA LYS A 595 -19.57 6.13 -20.22
C LYS A 595 -18.39 7.08 -20.18
N VAL A 596 -17.17 6.55 -20.08
CA VAL A 596 -15.99 7.40 -19.96
C VAL A 596 -15.69 8.00 -21.33
N GLU A 597 -16.19 9.21 -21.56
CA GLU A 597 -16.04 9.85 -22.86
C GLU A 597 -14.59 10.24 -23.09
N LEU A 598 -13.98 9.65 -24.11
CA LEU A 598 -12.58 9.91 -24.43
C LEU A 598 -12.38 11.22 -25.19
N GLY A 599 -13.45 11.82 -25.70
CA GLY A 599 -13.28 13.03 -26.49
C GLY A 599 -12.41 12.76 -27.70
N ASN A 600 -11.43 13.64 -27.92
CA ASN A 600 -10.43 13.46 -28.97
C ASN A 600 -9.06 13.59 -28.31
N PHE A 601 -8.60 12.53 -27.66
CA PHE A 601 -7.32 12.55 -26.98
C PHE A 601 -6.22 12.37 -28.02
N GLU A 602 -5.37 13.37 -28.16
CA GLU A 602 -4.50 13.51 -29.32
C GLU A 602 -3.19 12.80 -29.08
N ILE A 603 -3.12 11.52 -29.41
CA ILE A 603 -1.83 10.84 -29.44
C ILE A 603 -1.14 11.39 -30.67
N LYS A 604 -0.37 12.45 -30.48
CA LYS A 604 -0.19 13.46 -31.50
C LYS A 604 0.98 13.10 -32.39
N ASN A 605 0.90 13.45 -33.67
CA ASN A 605 2.09 13.36 -34.50
C ASN A 605 3.19 14.17 -33.87
N GLY A 606 4.29 13.54 -33.50
CA GLY A 606 5.33 14.24 -32.77
C GLY A 606 5.74 13.49 -31.52
N LEU A 607 4.76 12.91 -30.83
CA LEU A 607 5.10 11.96 -29.78
C LEU A 607 5.92 10.80 -30.34
N ILE A 608 5.41 10.16 -31.39
CA ILE A 608 6.15 9.08 -32.03
C ILE A 608 7.41 9.60 -32.68
N LYS A 609 7.44 10.89 -33.03
CA LYS A 609 8.64 11.45 -33.66
C LYS A 609 9.82 11.44 -32.71
N ALA A 610 9.59 11.72 -31.43
CA ALA A 610 10.68 11.63 -30.47
C ALA A 610 11.17 10.19 -30.33
N MET A 611 10.25 9.26 -30.12
CA MET A 611 10.72 7.89 -29.97
C MET A 611 11.16 7.28 -31.30
N LEU A 612 10.92 7.96 -32.42
CA LEU A 612 11.66 7.60 -33.62
C LEU A 612 13.06 8.18 -33.60
N GLU A 613 13.22 9.36 -33.01
CA GLU A 613 14.58 9.85 -32.80
C GLU A 613 15.37 8.91 -31.91
N PHE A 614 14.68 8.04 -31.17
CA PHE A 614 15.38 6.96 -30.47
C PHE A 614 16.14 6.05 -31.43
N LEU A 615 15.71 5.98 -32.69
CA LEU A 615 16.42 5.19 -33.70
C LEU A 615 17.51 6.03 -34.37
N PRO A 616 18.58 5.41 -34.84
CA PRO A 616 19.68 6.18 -35.41
C PRO A 616 19.28 6.92 -36.68
N ASP A 617 19.95 8.04 -36.92
CA ASP A 617 19.77 8.82 -38.14
C ASP A 617 20.99 8.77 -39.05
N THR A 618 21.94 7.88 -38.78
CA THR A 618 23.14 7.84 -39.59
C THR A 618 22.80 7.41 -41.02
N LYS A 619 23.51 7.97 -41.99
CA LYS A 619 23.20 7.77 -43.40
C LYS A 619 23.54 6.37 -43.89
N ASP A 620 24.21 5.55 -43.07
CA ASP A 620 24.62 4.22 -43.49
C ASP A 620 23.42 3.28 -43.43
N LEU A 621 22.52 3.44 -44.40
CA LEU A 621 21.36 2.58 -44.46
C LEU A 621 21.66 1.25 -45.15
N GLU A 622 22.51 1.29 -46.19
CA GLU A 622 22.72 0.12 -47.03
C GLU A 622 23.34 -1.03 -46.26
N THR A 623 24.30 -0.73 -45.38
CA THR A 623 24.89 -1.78 -44.57
C THR A 623 23.83 -2.44 -43.68
N THR A 624 22.92 -1.64 -43.13
CA THR A 624 21.88 -2.19 -42.26
C THR A 624 20.99 -3.16 -43.02
N LEU A 625 20.56 -2.77 -44.23
CA LEU A 625 19.70 -3.65 -45.01
C LEU A 625 20.44 -4.88 -45.51
N ASP A 626 21.71 -4.71 -45.89
CA ASP A 626 22.51 -5.86 -46.31
C ASP A 626 22.65 -6.86 -45.17
N LYS A 627 22.86 -6.36 -43.95
CA LYS A 627 23.02 -7.27 -42.82
C LYS A 627 21.71 -7.94 -42.43
N LEU A 628 20.62 -7.16 -42.36
CA LEU A 628 19.36 -7.74 -41.91
C LEU A 628 18.78 -8.69 -42.95
N LEU A 629 18.73 -8.26 -44.21
CA LEU A 629 18.02 -9.04 -45.21
C LEU A 629 18.91 -10.11 -45.83
N PHE A 630 20.14 -9.75 -46.19
CA PHE A 630 20.98 -10.69 -46.92
C PHE A 630 21.98 -11.44 -46.04
N LYS A 631 22.95 -10.73 -45.47
CA LYS A 631 24.06 -11.39 -44.80
C LYS A 631 23.69 -11.62 -43.33
N GLY A 632 22.66 -12.43 -43.14
CA GLY A 632 22.14 -12.71 -41.82
C GLY A 632 22.19 -14.18 -41.45
N GLU A 633 21.17 -14.63 -40.71
CA GLU A 633 21.15 -15.99 -40.18
C GLU A 633 20.21 -16.92 -40.93
N SER A 634 19.16 -16.39 -41.56
CA SER A 634 18.15 -17.21 -42.22
C SER A 634 18.21 -17.14 -43.73
N TYR A 635 18.31 -15.93 -44.30
CA TYR A 635 18.42 -15.82 -45.75
C TYR A 635 19.71 -16.43 -46.26
N LYS A 636 20.76 -16.46 -45.42
CA LYS A 636 21.99 -17.13 -45.83
C LYS A 636 21.78 -18.62 -46.02
N ALA A 637 20.97 -19.24 -45.14
CA ALA A 637 20.66 -20.65 -45.28
C ALA A 637 19.91 -20.94 -46.58
N MET A 638 18.92 -20.10 -46.90
CA MET A 638 18.19 -20.28 -48.16
C MET A 638 19.09 -20.02 -49.36
N LYS A 639 20.01 -19.06 -49.24
CA LYS A 639 20.96 -18.81 -50.31
C LYS A 639 21.83 -20.04 -50.57
N ASP A 640 22.37 -20.62 -49.50
CA ASP A 640 23.18 -21.83 -49.66
C ASP A 640 22.37 -22.99 -50.21
N LYS A 641 21.12 -23.11 -49.76
CA LYS A 641 20.24 -24.17 -50.27
C LYS A 641 20.02 -24.02 -51.76
N TYR A 642 19.79 -22.79 -52.23
CA TYR A 642 19.55 -22.59 -53.65
C TYR A 642 20.83 -22.70 -54.47
N ILE A 643 21.98 -22.39 -53.88
CA ILE A 643 23.25 -22.64 -54.57
C ILE A 643 23.46 -24.14 -54.74
N LYS A 644 23.16 -24.93 -53.71
CA LYS A 644 23.35 -26.38 -53.79
C LYS A 644 22.41 -27.00 -54.81
N GLU A 645 21.12 -26.69 -54.74
CA GLU A 645 20.12 -27.23 -55.65
C GLU A 645 18.90 -26.31 -55.60
N GLY A 646 17.81 -26.73 -56.24
CA GLY A 646 16.59 -25.94 -56.20
C GLY A 646 16.05 -25.56 -57.55
N PHE A 647 15.17 -24.55 -57.59
CA PHE A 647 14.46 -24.15 -58.79
C PHE A 647 13.79 -25.35 -59.45
N PRO A 648 12.71 -25.88 -58.86
CA PRO A 648 12.07 -27.06 -59.43
C PRO A 648 11.57 -26.82 -60.84
N GLY A 649 11.69 -27.85 -61.67
CA GLY A 649 11.32 -27.75 -63.07
C GLY A 649 12.53 -27.65 -63.98
N TYR A 650 13.54 -26.90 -63.53
CA TYR A 650 14.78 -26.78 -64.30
C TYR A 650 15.69 -27.98 -64.05
N GLY A 651 16.10 -28.18 -62.80
CA GLY A 651 16.91 -29.32 -62.44
C GLY A 651 18.38 -29.19 -62.80
N TRP A 652 18.68 -29.24 -64.10
CA TRP A 652 20.05 -29.19 -64.56
C TRP A 652 20.66 -27.79 -64.54
N ALA A 653 19.85 -26.76 -64.35
CA ALA A 653 20.34 -25.38 -64.35
C ALA A 653 20.77 -25.01 -62.94
N LYS A 654 22.07 -25.13 -62.68
CA LYS A 654 22.63 -24.76 -61.39
C LYS A 654 23.31 -23.40 -61.40
N GLY A 655 23.81 -22.96 -62.54
CA GLY A 655 24.44 -21.65 -62.64
C GLY A 655 23.48 -20.48 -62.70
N VAL A 656 22.19 -20.75 -62.92
CA VAL A 656 21.21 -19.66 -62.95
C VAL A 656 21.03 -19.06 -61.57
N VAL A 657 21.17 -19.87 -60.51
CA VAL A 657 20.96 -19.35 -59.16
C VAL A 657 21.90 -18.19 -58.83
N PRO A 658 23.22 -18.26 -59.12
CA PRO A 658 24.02 -17.04 -58.99
C PRO A 658 23.80 -16.10 -60.17
N GLY A 659 22.55 -15.99 -60.59
CA GLY A 659 22.13 -14.98 -61.54
C GLY A 659 20.76 -14.50 -61.11
N ALA A 660 20.23 -15.16 -60.07
CA ALA A 660 18.93 -14.83 -59.52
C ALA A 660 19.07 -14.07 -58.21
N PHE A 661 19.75 -14.66 -57.22
CA PHE A 661 20.08 -13.89 -56.04
C PHE A 661 21.36 -13.12 -56.30
N GLU A 662 21.41 -12.48 -57.48
CA GLU A 662 22.42 -11.50 -57.84
C GLU A 662 21.84 -10.29 -58.54
N SER A 663 20.65 -10.39 -59.14
CA SER A 663 19.95 -9.23 -59.65
C SER A 663 18.72 -8.86 -58.84
N ILE A 664 18.16 -9.80 -58.09
CA ILE A 664 17.13 -9.42 -57.13
C ILE A 664 17.72 -8.53 -56.04
N GLU A 665 18.87 -8.94 -55.48
CA GLU A 665 19.55 -8.07 -54.55
C GLU A 665 20.01 -6.78 -55.21
N ASN A 666 20.38 -6.83 -56.49
CA ASN A 666 20.74 -5.62 -57.21
C ASN A 666 19.58 -4.64 -57.25
N THR A 667 18.39 -5.12 -57.61
CA THR A 667 17.23 -4.22 -57.61
C THR A 667 16.95 -3.71 -56.22
N PHE A 668 17.01 -4.58 -55.21
CA PHE A 668 16.68 -4.15 -53.86
C PHE A 668 17.65 -3.11 -53.34
N LYS A 669 18.94 -3.26 -53.61
CA LYS A 669 19.93 -2.31 -53.10
C LYS A 669 20.22 -1.17 -54.07
N SER A 670 19.62 -1.17 -55.25
CA SER A 670 19.72 -0.01 -56.10
C SER A 670 18.47 0.86 -56.03
N ALA A 671 17.37 0.31 -55.52
CA ALA A 671 16.15 1.07 -55.31
C ALA A 671 16.03 1.59 -53.89
N ILE A 672 17.15 1.91 -53.24
CA ILE A 672 17.15 2.57 -51.95
C ILE A 672 17.94 3.87 -52.06
N ASP A 673 17.28 4.98 -51.73
CA ASP A 673 17.97 6.26 -51.72
C ASP A 673 18.90 6.36 -50.51
N LYS A 674 20.19 6.51 -50.77
CA LYS A 674 21.17 6.57 -49.70
C LYS A 674 21.04 7.82 -48.84
N THR A 675 20.45 8.90 -49.37
CA THR A 675 20.30 10.13 -48.60
C THR A 675 19.35 9.97 -47.41
N LYS A 676 18.59 8.89 -47.36
CA LYS A 676 17.66 8.63 -46.27
C LYS A 676 18.32 7.73 -45.23
N SER A 677 17.96 7.94 -43.97
CA SER A 677 18.45 7.09 -42.90
C SER A 677 17.34 6.21 -42.36
N ILE A 678 17.73 5.19 -41.58
CA ILE A 678 16.75 4.22 -41.08
C ILE A 678 15.67 4.92 -40.28
N ARG A 679 16.00 6.06 -39.68
CA ARG A 679 14.99 6.93 -39.10
C ARG A 679 13.91 7.23 -40.11
N ASP A 680 14.30 7.58 -41.33
CA ASP A 680 13.30 7.93 -42.34
C ASP A 680 12.55 6.70 -42.83
N LEU A 681 13.18 5.53 -42.82
CA LEU A 681 12.45 4.31 -43.16
C LEU A 681 11.31 4.09 -42.17
N PHE A 682 11.63 4.10 -40.87
CA PHE A 682 10.56 3.97 -39.89
C PHE A 682 9.61 5.16 -39.91
N GLY A 683 10.06 6.31 -40.37
CA GLY A 683 9.15 7.43 -40.53
C GLY A 683 8.12 7.16 -41.60
N ASP A 684 8.55 6.59 -42.72
CA ASP A 684 7.60 6.17 -43.75
C ASP A 684 6.69 5.08 -43.22
N MET A 685 7.25 4.15 -42.45
CA MET A 685 6.42 3.08 -41.92
C MET A 685 5.35 3.61 -40.98
N LEU A 686 5.69 4.60 -40.15
CA LEU A 686 4.78 5.06 -39.10
C LEU A 686 3.94 6.25 -39.54
N PHE A 687 4.58 7.40 -39.83
CA PHE A 687 3.81 8.59 -40.14
C PHE A 687 3.11 8.50 -41.50
N GLY A 688 3.54 7.60 -42.36
CA GLY A 688 3.15 7.72 -43.75
C GLY A 688 4.21 8.46 -44.52
N ASN A 689 4.03 9.77 -44.73
CA ASN A 689 5.02 10.54 -45.44
C ASN A 689 6.36 10.51 -44.70
N ASP A 690 7.39 11.05 -45.34
CA ASP A 690 8.76 10.98 -44.82
C ASP A 690 8.91 11.83 -43.57
N LEU A 691 10.09 11.78 -42.96
CA LEU A 691 10.32 12.48 -41.70
C LEU A 691 10.13 13.99 -41.76
N SER A 692 11.06 14.69 -42.40
CA SER A 692 11.18 16.13 -42.18
C SER A 692 10.04 16.94 -42.79
N SER A 693 9.18 16.32 -43.59
CA SER A 693 8.04 16.99 -44.19
C SER A 693 6.73 16.74 -43.44
N VAL A 694 6.80 16.11 -42.28
CA VAL A 694 5.62 15.82 -41.48
C VAL A 694 5.67 16.69 -40.22
N LYS A 695 4.61 17.48 -40.01
CA LYS A 695 4.56 18.47 -38.94
C LYS A 695 3.93 17.88 -37.68
N GLU A 696 4.33 18.42 -36.52
CA GLU A 696 3.80 17.92 -35.27
C GLU A 696 2.34 18.29 -35.07
N THR A 697 1.88 19.36 -35.72
CA THR A 697 0.52 19.84 -35.51
C THR A 697 -0.51 19.08 -36.34
N ASP A 698 -0.15 17.91 -36.88
CA ASP A 698 -1.06 17.03 -37.62
C ASP A 698 -1.92 16.23 -36.67
N SER A 699 -2.47 15.10 -37.11
CA SER A 699 -3.06 14.12 -36.21
C SER A 699 -2.47 12.76 -36.55
N PHE A 700 -2.11 11.99 -35.52
CA PHE A 700 -1.59 10.66 -35.72
C PHE A 700 -2.51 9.59 -35.15
N ILE A 701 -2.87 9.68 -33.88
CA ILE A 701 -3.88 8.83 -33.28
C ILE A 701 -4.80 9.71 -32.46
N THR A 702 -6.10 9.59 -32.69
CA THR A 702 -7.09 10.42 -32.00
C THR A 702 -8.19 9.49 -31.51
N LEU A 703 -8.12 9.10 -30.25
CA LEU A 703 -9.09 8.22 -29.65
C LEU A 703 -10.49 8.78 -29.81
N GLY A 704 -11.44 7.92 -30.21
CA GLY A 704 -12.80 8.34 -30.45
C GLY A 704 -13.79 7.53 -29.62
N GLY A 705 -15.05 7.93 -29.70
CA GLY A 705 -16.12 7.22 -29.02
C GLY A 705 -15.98 7.28 -27.52
N SER A 706 -16.39 6.19 -26.86
CA SER A 706 -16.30 6.11 -25.40
C SER A 706 -16.50 4.66 -24.96
N PHE A 707 -15.73 4.25 -23.97
CA PHE A 707 -15.84 2.93 -23.36
C PHE A 707 -16.55 3.03 -22.03
N ASP A 708 -17.10 1.90 -21.57
CA ASP A 708 -18.00 1.90 -20.43
C ASP A 708 -17.49 0.97 -19.33
N ILE A 709 -17.74 1.39 -18.09
CA ILE A 709 -17.50 0.57 -16.90
C ILE A 709 -18.85 0.17 -16.33
N LYS A 710 -18.99 -1.10 -15.97
CA LYS A 710 -20.30 -1.69 -15.72
C LYS A 710 -20.32 -2.41 -14.37
N TYR A 711 -19.93 -1.74 -13.28
CA TYR A 711 -20.10 -2.36 -11.97
C TYR A 711 -21.56 -2.77 -11.77
N GLY A 712 -21.75 -4.00 -11.33
CA GLY A 712 -23.08 -4.50 -11.06
C GLY A 712 -23.00 -5.84 -10.39
N GLY A 713 -24.06 -6.16 -9.65
CA GLY A 713 -24.13 -7.42 -8.93
C GLY A 713 -25.49 -7.62 -8.31
N GLU A 714 -25.96 -8.86 -8.26
CA GLU A 714 -27.29 -9.16 -7.79
C GLU A 714 -27.19 -10.32 -6.79
N ASN A 715 -27.85 -10.19 -5.65
CA ASN A 715 -27.72 -11.15 -4.54
C ASN A 715 -26.27 -11.24 -4.06
N LEU A 716 -25.81 -10.14 -3.48
CA LEU A 716 -24.45 -10.01 -2.96
C LEU A 716 -24.48 -9.84 -1.45
N ASN A 717 -23.64 -10.60 -0.76
CA ASN A 717 -23.53 -10.52 0.70
C ASN A 717 -22.78 -9.27 1.13
N VAL A 718 -23.03 -8.85 2.37
CA VAL A 718 -22.39 -7.66 2.95
C VAL A 718 -22.09 -7.94 4.42
N LEU A 719 -20.85 -7.67 4.83
CA LEU A 719 -20.40 -8.02 6.18
C LEU A 719 -19.47 -6.93 6.73
N PRO A 720 -19.17 -6.92 8.03
CA PRO A 720 -18.30 -5.87 8.57
C PRO A 720 -16.90 -5.93 7.99
N ALA A 721 -16.47 -4.80 7.42
CA ALA A 721 -15.19 -4.69 6.74
C ALA A 721 -14.17 -4.07 7.66
N TYR A 722 -13.07 -4.78 7.88
CA TYR A 722 -12.01 -4.35 8.76
C TYR A 722 -10.87 -3.82 7.91
N TYR A 723 -9.88 -3.23 8.55
CA TYR A 723 -8.77 -2.69 7.78
C TYR A 723 -7.87 -3.83 7.31
N SER A 724 -6.73 -3.48 6.70
CA SER A 724 -5.76 -4.50 6.32
C SER A 724 -5.35 -5.33 7.53
N LEU A 725 -5.45 -4.75 8.72
CA LEU A 725 -5.32 -5.47 9.97
C LEU A 725 -6.40 -4.89 10.89
N ILE A 726 -6.38 -5.17 12.19
CA ILE A 726 -7.48 -4.74 13.04
C ILE A 726 -7.57 -3.21 13.03
N ASN A 727 -8.77 -2.70 13.30
CA ASN A 727 -8.99 -1.29 13.57
C ASN A 727 -10.22 -1.16 14.46
N SER A 728 -10.33 -0.01 15.13
CA SER A 728 -11.57 0.31 15.83
C SER A 728 -12.66 0.71 14.84
N GLU A 729 -12.27 1.28 13.69
CA GLU A 729 -13.24 1.78 12.73
C GLU A 729 -13.69 0.70 11.76
N ILE A 730 -14.86 0.11 12.03
CA ILE A 730 -15.45 -0.86 11.12
C ILE A 730 -15.91 -0.17 9.84
N GLY A 731 -15.75 -0.85 8.71
CA GLY A 731 -16.33 -0.43 7.45
C GLY A 731 -17.47 -1.31 7.03
N TYR A 732 -17.63 -1.47 5.72
CA TYR A 732 -18.54 -2.47 5.18
C TYR A 732 -18.14 -2.72 3.74
N GLN A 733 -17.88 -3.98 3.40
CA GLN A 733 -17.48 -4.34 2.05
C GLN A 733 -18.60 -5.14 1.40
N ILE A 734 -18.88 -4.84 0.13
CA ILE A 734 -19.92 -5.54 -0.61
C ILE A 734 -19.22 -6.60 -1.45
N ILE A 735 -19.29 -7.85 -1.01
CA ILE A 735 -18.54 -8.94 -1.63
C ILE A 735 -19.33 -9.48 -2.82
N GLY A 736 -18.69 -9.52 -3.97
CA GLY A 736 -19.27 -10.16 -5.14
C GLY A 736 -19.68 -9.23 -6.27
N VAL A 737 -19.06 -8.07 -6.37
CA VAL A 737 -19.38 -7.14 -7.46
C VAL A 737 -18.72 -7.62 -8.75
N ASP A 738 -19.51 -7.65 -9.83
CA ASP A 738 -19.05 -8.15 -11.12
C ASP A 738 -18.62 -6.96 -11.97
N THR A 739 -17.33 -6.71 -12.03
CA THR A 739 -16.80 -5.51 -12.66
C THR A 739 -16.62 -5.80 -14.15
N THR A 740 -17.60 -5.40 -14.96
CA THR A 740 -17.55 -5.58 -16.40
C THR A 740 -16.98 -4.31 -17.03
N ILE A 741 -15.88 -4.45 -17.75
CA ILE A 741 -15.24 -3.33 -18.43
C ILE A 741 -15.45 -3.51 -19.93
N ASP A 742 -16.45 -2.83 -20.47
CA ASP A 742 -16.71 -2.85 -21.91
C ASP A 742 -15.91 -1.72 -22.55
N ALA A 743 -14.82 -2.08 -23.22
CA ALA A 743 -13.94 -1.09 -23.83
C ALA A 743 -14.31 -0.82 -25.28
N THR A 744 -15.45 -1.30 -25.75
CA THR A 744 -15.83 -1.19 -27.15
C THR A 744 -16.29 0.24 -27.45
N LYS A 745 -16.87 0.42 -28.63
CA LYS A 745 -17.42 1.71 -29.06
C LYS A 745 -16.35 2.80 -29.07
N VAL A 746 -15.16 2.46 -29.57
CA VAL A 746 -14.07 3.42 -29.72
C VAL A 746 -13.68 3.47 -31.19
N LYS A 747 -13.01 4.57 -31.55
CA LYS A 747 -12.49 4.78 -32.91
C LYS A 747 -11.07 5.30 -32.79
N VAL A 748 -10.11 4.39 -32.72
CA VAL A 748 -8.70 4.76 -32.64
C VAL A 748 -8.22 4.94 -34.08
N GLU A 749 -8.45 6.12 -34.62
CA GLU A 749 -8.09 6.39 -36.01
C GLU A 749 -6.61 6.69 -36.13
N LEU A 750 -6.02 6.20 -37.21
CA LEU A 750 -4.63 6.45 -37.56
C LEU A 750 -4.65 7.47 -38.69
N LYS A 751 -4.73 8.75 -38.33
CA LYS A 751 -5.16 9.78 -39.27
C LYS A 751 -4.37 9.74 -40.57
N ASN A 752 -3.10 9.40 -40.51
CA ASN A 752 -2.35 9.11 -41.73
C ASN A 752 -2.55 7.64 -42.05
N LYS A 753 -3.64 7.35 -42.77
CA LYS A 753 -3.95 5.99 -43.21
C LYS A 753 -3.55 5.73 -44.64
N GLU A 754 -3.26 6.77 -45.42
CA GLU A 754 -2.86 6.63 -46.81
C GLU A 754 -1.42 7.07 -46.97
N TYR A 755 -0.94 7.02 -48.20
CA TYR A 755 0.42 7.39 -48.54
C TYR A 755 0.41 8.55 -49.53
N LYS A 756 1.25 9.54 -49.27
CA LYS A 756 1.38 10.70 -50.14
C LYS A 756 2.84 11.05 -50.43
N GLY A 757 3.74 10.07 -50.30
CA GLY A 757 5.15 10.37 -50.32
C GLY A 757 5.67 10.76 -51.69
N LYS A 758 6.83 11.39 -51.67
CA LYS A 758 7.54 11.83 -52.86
C LYS A 758 8.90 11.16 -53.03
N SER A 759 9.66 11.03 -51.94
CA SER A 759 11.00 10.44 -51.99
C SER A 759 11.11 9.36 -50.93
N PRO A 760 10.49 8.20 -51.16
CA PRO A 760 10.60 7.10 -50.20
C PRO A 760 12.04 6.61 -50.09
N ALA A 761 12.36 6.08 -48.92
CA ALA A 761 13.72 5.58 -48.70
C ALA A 761 14.03 4.41 -49.61
N ILE A 762 13.04 3.59 -49.94
CA ILE A 762 13.26 2.40 -50.77
C ILE A 762 12.36 2.52 -52.01
N ASN A 763 12.22 3.73 -52.53
CA ASN A 763 11.45 3.93 -53.74
C ASN A 763 12.08 3.20 -54.93
N GLY A 764 11.25 2.70 -55.81
CA GLY A 764 11.72 1.99 -56.97
C GLY A 764 10.70 0.92 -57.36
N GLN A 765 11.22 -0.24 -57.76
CA GLN A 765 10.41 -1.40 -58.05
C GLN A 765 10.37 -2.40 -56.91
N VAL A 766 10.97 -2.06 -55.78
CA VAL A 766 11.03 -2.96 -54.63
C VAL A 766 10.48 -2.24 -53.40
N LYS A 767 9.60 -1.28 -53.61
CA LYS A 767 9.25 -0.32 -52.56
C LYS A 767 8.81 -1.00 -51.27
N LEU A 768 9.59 -0.80 -50.21
CA LEU A 768 9.20 -1.21 -48.86
C LEU A 768 8.44 -0.13 -48.11
N SER A 769 8.80 1.14 -48.30
CA SER A 769 8.18 2.19 -47.50
C SER A 769 6.67 2.15 -47.63
N GLN A 770 6.15 2.03 -48.86
CA GLN A 770 4.72 1.84 -49.03
C GLN A 770 4.28 0.49 -48.49
N SER A 771 5.07 -0.55 -48.77
CA SER A 771 4.76 -1.88 -48.22
C SER A 771 4.82 -1.86 -46.70
N PHE A 772 5.82 -1.20 -46.13
CA PHE A 772 5.91 -1.13 -44.68
C PHE A 772 4.76 -0.33 -44.10
N PHE A 773 4.33 0.74 -44.78
CA PHE A 773 3.19 1.49 -44.29
C PHE A 773 1.94 0.62 -44.28
N ASN A 774 1.75 -0.18 -45.34
CA ASN A 774 0.61 -1.08 -45.38
C ASN A 774 0.68 -2.10 -44.26
N VAL A 775 1.85 -2.71 -44.05
CA VAL A 775 1.94 -3.77 -43.04
C VAL A 775 1.79 -3.17 -41.65
N TRP A 776 2.29 -1.96 -41.42
CA TRP A 776 2.16 -1.34 -40.11
C TRP A 776 0.72 -0.95 -39.84
N THR A 777 0.02 -0.40 -40.84
CA THR A 777 -1.40 -0.12 -40.64
C THR A 777 -2.16 -1.39 -40.32
N ASN A 778 -1.87 -2.48 -41.03
CA ASN A 778 -2.54 -3.75 -40.78
C ASN A 778 -2.27 -4.25 -39.36
N MET A 779 -0.99 -4.27 -38.96
CA MET A 779 -0.65 -4.81 -37.64
C MET A 779 -1.17 -3.93 -36.52
N PHE A 780 -1.18 -2.62 -36.73
CA PHE A 780 -1.69 -1.73 -35.69
C PHE A 780 -3.20 -1.83 -35.58
N ASP A 781 -3.89 -2.01 -36.71
CA ASP A 781 -5.32 -2.28 -36.65
C ASP A 781 -5.59 -3.58 -35.90
N SER A 782 -4.76 -4.60 -36.14
CA SER A 782 -4.92 -5.85 -35.42
C SER A 782 -4.73 -5.65 -33.92
N ILE A 783 -3.73 -4.86 -33.52
CA ILE A 783 -3.51 -4.63 -32.10
C ILE A 783 -4.67 -3.85 -31.48
N THR A 784 -5.11 -2.78 -32.14
CA THR A 784 -6.20 -1.97 -31.60
C THR A 784 -7.53 -2.71 -31.60
N LYS A 785 -7.68 -3.75 -32.42
CA LYS A 785 -8.92 -4.52 -32.40
C LYS A 785 -8.88 -5.67 -31.42
N GLN A 786 -7.71 -6.30 -31.25
CA GLN A 786 -7.60 -7.49 -30.40
C GLN A 786 -7.03 -7.19 -29.02
N ILE A 787 -5.91 -6.48 -28.93
CA ILE A 787 -5.35 -6.18 -27.61
C ILE A 787 -6.28 -5.27 -26.82
N PHE A 788 -6.97 -4.37 -27.51
CA PHE A 788 -8.03 -3.57 -26.90
C PHE A 788 -9.32 -4.38 -26.80
N GLN A 789 -10.45 -3.68 -26.66
CA GLN A 789 -11.71 -4.19 -26.14
C GLN A 789 -12.01 -5.66 -26.42
N LYS A 790 -12.31 -6.41 -25.36
CA LYS A 790 -12.82 -7.77 -25.46
C LYS A 790 -13.87 -8.04 -24.38
N LYS A 791 -14.45 -6.98 -23.79
CA LYS A 791 -15.38 -7.08 -22.67
C LYS A 791 -14.73 -7.84 -21.50
N TYR A 792 -13.66 -7.26 -20.99
CA TYR A 792 -12.95 -7.84 -19.85
C TYR A 792 -13.86 -7.91 -18.63
N GLU A 793 -13.88 -9.06 -17.98
CA GLU A 793 -14.70 -9.29 -16.81
C GLU A 793 -13.80 -9.58 -15.61
N PHE A 794 -14.21 -9.10 -14.44
CA PHE A 794 -13.40 -9.20 -13.23
C PHE A 794 -14.31 -9.10 -12.02
N LYS A 795 -14.10 -9.99 -11.06
CA LYS A 795 -14.89 -10.01 -9.83
C LYS A 795 -13.99 -9.72 -8.64
N ASP A 796 -14.44 -8.82 -7.77
CA ASP A 796 -13.66 -8.44 -6.59
C ASP A 796 -14.63 -7.95 -5.53
N ASN A 797 -14.07 -7.31 -4.49
CA ASN A 797 -14.83 -6.76 -3.38
C ASN A 797 -14.48 -5.29 -3.21
N ILE A 798 -15.48 -4.47 -2.94
CA ILE A 798 -15.30 -3.06 -2.67
C ILE A 798 -15.26 -2.87 -1.16
N GLN A 799 -14.13 -2.42 -0.63
CA GLN A 799 -13.98 -2.14 0.79
C GLN A 799 -14.03 -0.62 0.95
N VAL A 800 -15.21 -0.11 1.30
CA VAL A 800 -15.44 1.32 1.43
C VAL A 800 -15.64 1.63 2.92
N PHE A 801 -14.78 2.51 3.44
CA PHE A 801 -14.86 2.96 4.82
C PHE A 801 -15.41 4.38 4.80
N ALA A 802 -16.75 4.46 4.76
CA ALA A 802 -17.43 5.73 4.61
C ALA A 802 -17.08 6.66 5.76
N ARG A 803 -16.40 7.75 5.45
CA ARG A 803 -15.98 8.73 6.43
C ARG A 803 -16.93 9.91 6.40
N ASN A 804 -17.28 10.42 7.57
CA ASN A 804 -18.21 11.53 7.68
C ASN A 804 -17.51 12.82 7.28
N GLU A 805 -18.17 13.95 7.53
CA GLU A 805 -17.62 15.24 7.15
C GLU A 805 -16.34 15.55 7.92
N ASP A 806 -16.42 15.59 9.25
CA ASP A 806 -15.25 15.88 10.07
C ASP A 806 -14.52 14.62 10.52
N ASN A 807 -14.24 13.74 9.56
CA ASN A 807 -13.44 12.54 9.81
C ASN A 807 -13.99 11.72 10.97
N THR A 808 -15.29 11.41 10.89
CA THR A 808 -16.01 10.76 11.97
C THR A 808 -16.83 9.59 11.41
N SER A 809 -16.14 8.68 10.72
CA SER A 809 -16.76 7.55 10.00
C SER A 809 -17.96 6.99 10.74
N ARG A 810 -19.06 6.86 10.01
CA ARG A 810 -20.35 6.54 10.64
C ARG A 810 -20.30 5.20 11.37
N LEU A 811 -19.71 4.19 10.74
CA LEU A 811 -19.71 2.84 11.30
C LEU A 811 -18.74 2.76 12.47
N GLU A 812 -19.20 2.20 13.59
CA GLU A 812 -18.33 2.07 14.76
C GLU A 812 -18.94 1.09 15.75
N LEU A 813 -18.07 0.58 16.63
CA LEU A 813 -18.45 -0.26 17.75
C LEU A 813 -18.23 0.49 19.06
N ASP A 814 -18.68 -0.14 20.16
CA ASP A 814 -18.40 0.40 21.49
C ASP A 814 -16.97 0.13 21.92
N ILE A 815 -16.41 -1.00 21.51
CA ILE A 815 -15.02 -1.42 21.73
C ILE A 815 -14.63 -1.19 23.19
N SER A 816 -15.59 -1.38 24.09
CA SER A 816 -15.34 -1.28 25.53
C SER A 816 -15.50 -2.61 26.22
N ASP A 817 -16.63 -3.28 26.03
CA ASP A 817 -16.86 -4.56 26.67
C ASP A 817 -16.00 -5.64 26.01
N PRO A 818 -15.63 -6.67 26.77
CA PRO A 818 -14.86 -7.78 26.16
C PRO A 818 -15.75 -8.69 25.32
N GLU A 819 -16.61 -8.08 24.51
CA GLU A 819 -17.48 -8.84 23.62
C GLU A 819 -17.54 -8.28 22.21
N GLN A 820 -17.10 -7.04 21.97
CA GLN A 820 -17.08 -6.48 20.63
C GLN A 820 -15.68 -6.13 20.16
N ARG A 821 -14.64 -6.40 20.97
CA ARG A 821 -13.28 -6.26 20.47
C ARG A 821 -12.99 -7.32 19.42
N VAL A 822 -13.41 -7.06 18.19
CA VAL A 822 -13.17 -7.99 17.10
C VAL A 822 -11.67 -8.16 16.89
N ILE A 823 -11.25 -9.36 16.50
CA ILE A 823 -9.85 -9.67 16.28
C ILE A 823 -9.70 -10.30 14.89
N PRO A 824 -9.66 -9.49 13.83
CA PRO A 824 -9.50 -10.07 12.48
C PRO A 824 -8.21 -10.82 12.26
N PHE A 825 -7.14 -10.53 13.02
CA PHE A 825 -5.93 -11.29 12.73
C PHE A 825 -5.99 -12.72 13.26
N ALA A 826 -7.11 -13.14 13.84
CA ALA A 826 -7.27 -14.51 14.29
C ALA A 826 -7.33 -15.47 13.12
N PHE A 827 -7.00 -16.72 13.39
CA PHE A 827 -7.19 -17.81 12.43
C PHE A 827 -8.28 -18.71 13.02
N VAL A 828 -9.42 -18.79 12.34
CA VAL A 828 -10.61 -19.39 12.94
C VAL A 828 -10.37 -20.86 13.21
N ASP A 829 -10.98 -21.35 14.30
CA ASP A 829 -10.84 -22.75 14.70
C ASP A 829 -11.62 -23.71 13.82
N GLY A 830 -12.49 -23.19 12.95
CA GLY A 830 -13.15 -24.06 11.98
C GLY A 830 -12.16 -24.77 11.09
N PHE A 831 -11.07 -24.09 10.74
CA PHE A 831 -9.97 -24.74 10.03
C PHE A 831 -9.15 -25.61 10.97
N GLY A 832 -9.28 -25.42 12.29
CA GLY A 832 -8.59 -26.26 13.25
C GLY A 832 -7.36 -25.61 13.87
N ILE A 833 -7.42 -25.28 15.16
CA ILE A 833 -6.29 -24.71 15.88
C ILE A 833 -6.16 -25.41 17.22
N GLN A 834 -4.94 -25.86 17.54
CA GLN A 834 -4.62 -26.45 18.82
C GLN A 834 -3.35 -25.79 19.35
N LEU A 835 -3.41 -25.33 20.60
CA LEU A 835 -2.27 -24.66 21.22
C LEU A 835 -1.31 -25.70 21.80
N LYS A 836 -0.76 -26.51 20.89
CA LYS A 836 0.15 -27.57 21.25
C LYS A 836 1.15 -27.77 20.12
N ALA A 837 2.34 -28.26 20.46
CA ALA A 837 3.40 -28.44 19.49
C ALA A 837 3.10 -29.60 18.55
N VAL A 838 2.50 -29.29 17.39
CA VAL A 838 2.16 -30.30 16.38
C VAL A 838 1.26 -31.40 16.95
N ASP A 839 0.34 -31.00 17.84
CA ASP A 839 -0.56 -31.95 18.47
C ASP A 839 -1.84 -31.24 18.92
#